data_7P9P
#
_entry.id   7P9P
#
_cell.length_a   115.202
_cell.length_b   115.202
_cell.length_c   120.360
_cell.angle_alpha   90.000
_cell.angle_beta   90.000
_cell.angle_gamma   120.000
#
_symmetry.space_group_name_H-M   'P 32 2 1'
#
loop_
_entity.id
_entity.type
_entity.pdbx_description
1 polymer 'Ubiquitin-like protein SMT3,N-acetyl-D-glucosamine kinase'
2 non-polymer 'ZINC ION'
3 non-polymer 'PHOSPHOAMINOPHOSPHONIC ACID-ADENYLATE ESTER'
4 non-polymer DI(HYDROXYETHYL)ETHER
5 non-polymer 'TRIETHYLENE GLYCOL'
6 non-polymer 2-acetamido-2-deoxy-alpha-D-glucopyranose
7 non-polymer 1,2-ETHANEDIOL
8 non-polymer 'POTASSIUM ION'
9 water water
#
_entity_poly.entity_id   1
_entity_poly.type   'polypeptide(L)'
_entity_poly.pdbx_seq_one_letter_code
;MAHHHHHHGSDSEVNQEAKPEVKPEVKPETHINLKVSDGSSEIFFKIKKTTPLRRLMEAFAKRQGKEMDSLRFLYDGIRI
QADQTPEDLDMEDNDIIEAHREQISSGLEVLFQGTMYYGFDIGGTKIEFGAFDADLVRVARERVATPTESYAAFLDAIVT
LVNNADAEFGVKGTVGIGIPGIADVETGKLLTSNIPAAMGHTLQRDLEERLQRPVKIENDANCFALSEAWDEDLRGEPSV
LGLILGTGVGGGLIFNGKVHSGRANIAGEIGHTRLPYDALKLLGMENAPIFPCGCKNSGCIDNYLSGRGFEQLYDHYFSE
KLSAPEIIAHYEQGERRAVQHVERFMELLAICLANIFTCLDPHVVVLGGGLSNFELIYQELPKRLPAHLLHVAKLPKIIK
ARHGDAGGVRGAAFLNL
;
_entity_poly.pdbx_strand_id   AAA,BBB
#
loop_
_chem_comp.id
_chem_comp.type
_chem_comp.name
_chem_comp.formula
ANP non-polymer 'PHOSPHOAMINOPHOSPHONIC ACID-ADENYLATE ESTER' 'C10 H17 N6 O12 P3'
EDO non-polymer 1,2-ETHANEDIOL 'C2 H6 O2'
K non-polymer 'POTASSIUM ION' 'K 1'
NDG D-saccharide, alpha linking 2-acetamido-2-deoxy-alpha-D-glucopyranose 'C8 H15 N O6'
PEG non-polymer DI(HYDROXYETHYL)ETHER 'C4 H10 O3'
PGE non-polymer 'TRIETHYLENE GLYCOL' 'C6 H14 O4'
ZN non-polymer 'ZINC ION' 'Zn 2'
#
# COMPACT_ATOMS: atom_id res chain seq x y z
N GLY A 114 32.71 6.16 -25.73
CA GLY A 114 33.21 6.46 -24.35
C GLY A 114 32.12 6.40 -23.28
N THR A 115 30.85 6.20 -23.68
CA THR A 115 29.72 6.09 -22.77
C THR A 115 29.55 4.67 -22.20
N MET A 116 29.86 4.50 -20.91
CA MET A 116 29.69 3.25 -20.18
C MET A 116 28.87 3.50 -18.90
N TYR A 117 27.83 2.70 -18.70
CA TYR A 117 26.95 2.78 -17.53
C TYR A 117 27.21 1.61 -16.59
N TYR A 118 27.62 1.92 -15.36
CA TYR A 118 27.77 0.90 -14.33
C TYR A 118 26.55 0.85 -13.41
N GLY A 119 26.18 -0.37 -13.03
CA GLY A 119 25.12 -0.64 -12.09
C GLY A 119 25.59 -1.62 -11.02
N PHE A 120 25.22 -1.33 -9.77
CA PHE A 120 25.51 -2.26 -8.70
C PHE A 120 24.19 -2.68 -8.08
N ASP A 121 24.13 -3.96 -7.72
CA ASP A 121 23.03 -4.46 -6.93
C ASP A 121 23.61 -5.02 -5.63
N ILE A 122 23.60 -4.22 -4.57
CA ILE A 122 24.14 -4.64 -3.29
C ILE A 122 23.07 -5.37 -2.49
N GLY A 123 23.41 -6.59 -2.07
CA GLY A 123 22.50 -7.40 -1.27
C GLY A 123 23.14 -7.79 0.06
N GLY A 124 22.37 -8.47 0.91
CA GLY A 124 22.85 -8.99 2.19
C GLY A 124 24.12 -9.85 2.03
N THR A 125 24.08 -10.79 1.07
CA THR A 125 25.12 -11.79 0.88
C THR A 125 26.07 -11.39 -0.24
N LYS A 126 25.52 -10.97 -1.39
CA LYS A 126 26.26 -10.82 -2.64
C LYS A 126 26.15 -9.38 -3.19
N ILE A 127 27.27 -8.84 -3.70
CA ILE A 127 27.29 -7.63 -4.51
C ILE A 127 27.38 -8.02 -5.99
N GLU A 128 26.35 -7.70 -6.78
CA GLU A 128 26.38 -7.92 -8.22
C GLU A 128 26.78 -6.64 -8.96
N PHE A 129 27.61 -6.76 -9.99
CA PHE A 129 28.07 -5.61 -10.76
C PHE A 129 27.88 -5.85 -12.25
N GLY A 130 27.57 -4.78 -12.99
CA GLY A 130 27.31 -4.89 -14.42
C GLY A 130 27.77 -3.60 -15.07
N ALA A 131 28.33 -3.73 -16.29
CA ALA A 131 28.64 -2.55 -17.09
C ALA A 131 27.91 -2.70 -18.41
N PHE A 132 27.36 -1.58 -18.89
CA PHE A 132 26.56 -1.57 -20.09
C PHE A 132 27.10 -0.47 -21.00
N ASP A 133 27.30 -0.80 -22.29
CA ASP A 133 27.77 0.19 -23.24
C ASP A 133 26.60 1.06 -23.72
N ALA A 134 26.95 1.96 -24.64
CA ALA A 134 26.04 2.95 -25.20
C ALA A 134 24.87 2.26 -25.88
N ASP A 135 25.01 1.00 -26.26
CA ASP A 135 23.93 0.30 -26.93
C ASP A 135 23.04 -0.38 -25.90
N LEU A 136 23.46 -0.26 -24.62
CA LEU A 136 22.82 -0.91 -23.47
C LEU A 136 23.09 -2.42 -23.46
N VAL A 137 24.20 -2.85 -24.07
CA VAL A 137 24.54 -4.26 -24.09
C VAL A 137 25.42 -4.52 -22.88
N ARG A 138 25.10 -5.60 -22.14
CA ARG A 138 25.94 -5.88 -20.98
C ARG A 138 27.31 -6.36 -21.45
N VAL A 139 28.39 -5.70 -20.99
CA VAL A 139 29.75 -6.00 -21.40
C VAL A 139 30.64 -6.38 -20.22
N ALA A 140 30.13 -6.24 -19.00
CA ALA A 140 30.84 -6.76 -17.84
C ALA A 140 29.87 -7.34 -16.81
N ARG A 141 30.37 -8.25 -15.99
CA ARG A 141 29.57 -8.95 -15.00
C ARG A 141 30.52 -9.50 -13.95
N GLU A 142 30.42 -8.98 -12.72
CA GLU A 142 31.25 -9.38 -11.59
C GLU A 142 30.33 -9.67 -10.40
N ARG A 143 30.82 -10.46 -9.44
CA ARG A 143 30.04 -10.85 -8.27
C ARG A 143 30.95 -11.16 -7.07
N VAL A 144 31.01 -10.19 -6.12
CA VAL A 144 31.77 -10.24 -4.87
C VAL A 144 30.84 -10.62 -3.70
N ALA A 145 31.43 -11.09 -2.60
CA ALA A 145 30.70 -11.25 -1.35
C ALA A 145 30.48 -9.87 -0.76
N THR A 146 29.33 -9.68 -0.10
CA THR A 146 29.11 -8.38 0.52
C THR A 146 29.89 -8.28 1.82
N PRO A 147 30.93 -7.39 1.95
CA PRO A 147 31.58 -7.17 3.25
C PRO A 147 30.61 -6.52 4.24
N THR A 148 30.04 -7.29 5.20
CA THR A 148 28.95 -6.77 6.03
C THR A 148 29.38 -6.38 7.44
N GLU A 149 30.70 -6.38 7.73
CA GLU A 149 31.15 -5.91 9.02
C GLU A 149 31.86 -4.56 8.92
N SER A 150 32.99 -4.47 8.21
CA SER A 150 33.70 -3.21 8.07
CA SER A 150 33.70 -3.21 8.07
C SER A 150 33.13 -2.39 6.91
N TYR A 151 32.78 -1.14 7.22
CA TYR A 151 32.32 -0.19 6.20
C TYR A 151 33.49 0.21 5.29
N ALA A 152 34.72 0.17 5.82
CA ALA A 152 35.88 0.51 5.01
C ALA A 152 36.02 -0.53 3.89
N ALA A 153 35.72 -1.80 4.24
CA ALA A 153 35.74 -2.96 3.36
C ALA A 153 34.62 -2.90 2.32
N PHE A 154 33.44 -2.50 2.78
CA PHE A 154 32.27 -2.27 1.94
C PHE A 154 32.63 -1.26 0.85
N LEU A 155 33.22 -0.12 1.26
CA LEU A 155 33.57 0.94 0.33
C LEU A 155 34.59 0.41 -0.68
N ASP A 156 35.49 -0.45 -0.17
CA ASP A 156 36.60 -0.98 -0.95
C ASP A 156 36.07 -1.82 -2.11
N ALA A 157 35.26 -2.83 -1.75
CA ALA A 157 34.56 -3.70 -2.70
C ALA A 157 33.99 -2.90 -3.89
N ILE A 158 33.17 -1.87 -3.62
CA ILE A 158 32.55 -1.04 -4.65
C ILE A 158 33.61 -0.30 -5.46
N VAL A 159 34.60 0.26 -4.77
CA VAL A 159 35.55 1.15 -5.42
C VAL A 159 36.39 0.33 -6.40
N THR A 160 36.83 -0.84 -5.94
CA THR A 160 37.60 -1.79 -6.73
C THR A 160 36.91 -2.05 -8.07
N LEU A 161 35.65 -2.49 -8.02
CA LEU A 161 34.91 -2.88 -9.21
C LEU A 161 34.76 -1.71 -10.19
N VAL A 162 34.68 -0.48 -9.68
CA VAL A 162 34.55 0.66 -10.57
C VAL A 162 35.87 0.87 -11.31
N ASN A 163 36.96 0.72 -10.57
CA ASN A 163 38.31 1.02 -11.02
C ASN A 163 38.76 0.00 -12.07
N ASN A 164 38.76 -1.29 -11.69
CA ASN A 164 38.96 -2.44 -12.57
C ASN A 164 38.30 -2.22 -13.93
N ALA A 165 36.99 -1.94 -13.89
CA ALA A 165 36.17 -1.76 -15.08
C ALA A 165 36.62 -0.51 -15.84
N ASP A 166 37.07 0.51 -15.10
CA ASP A 166 37.53 1.75 -15.71
C ASP A 166 38.81 1.46 -16.49
N ALA A 167 39.68 0.64 -15.89
CA ALA A 167 40.96 0.24 -16.45
C ALA A 167 40.74 -0.58 -17.73
N GLU A 168 40.03 -1.70 -17.58
CA GLU A 168 39.72 -2.66 -18.63
C GLU A 168 39.06 -2.01 -19.84
N PHE A 169 38.15 -1.06 -19.65
CA PHE A 169 37.48 -0.48 -20.80
C PHE A 169 38.11 0.85 -21.20
N GLY A 170 39.04 1.34 -20.36
CA GLY A 170 39.63 2.66 -20.48
C GLY A 170 38.60 3.79 -20.60
N VAL A 171 37.68 3.87 -19.62
CA VAL A 171 36.71 4.95 -19.51
C VAL A 171 36.40 5.11 -18.03
N LYS A 172 35.72 6.22 -17.70
CA LYS A 172 35.12 6.46 -16.40
C LYS A 172 33.61 6.28 -16.55
N GLY A 173 33.07 5.12 -16.13
CA GLY A 173 31.64 4.88 -16.26
C GLY A 173 30.80 5.70 -15.28
N THR A 174 29.56 6.06 -15.67
CA THR A 174 28.55 6.52 -14.72
C THR A 174 28.27 5.42 -13.68
N VAL A 175 27.83 5.85 -12.48
CA VAL A 175 27.68 4.95 -11.35
C VAL A 175 26.27 5.09 -10.77
N GLY A 176 25.55 3.95 -10.82
CA GLY A 176 24.22 3.75 -10.26
C GLY A 176 24.24 2.58 -9.30
N ILE A 177 23.68 2.79 -8.10
CA ILE A 177 23.73 1.77 -7.07
C ILE A 177 22.34 1.53 -6.52
N GLY A 178 21.97 0.25 -6.44
CA GLY A 178 20.79 -0.22 -5.76
C GLY A 178 21.21 -0.87 -4.45
N ILE A 179 20.69 -0.35 -3.33
CA ILE A 179 21.08 -0.78 -1.99
C ILE A 179 19.82 -1.31 -1.29
N PRO A 180 19.93 -2.31 -0.38
CA PRO A 180 18.78 -2.83 0.35
C PRO A 180 18.52 -2.00 1.62
N GLY A 181 17.84 -0.88 1.43
CA GLY A 181 17.57 0.04 2.52
C GLY A 181 17.32 1.42 1.93
N ILE A 182 17.48 2.43 2.79
CA ILE A 182 17.02 3.77 2.45
C ILE A 182 18.15 4.74 2.75
N ALA A 183 18.42 5.60 1.78
CA ALA A 183 19.23 6.78 1.98
C ALA A 183 18.31 7.89 2.52
N ASP A 184 18.60 8.33 3.75
CA ASP A 184 17.79 9.33 4.43
C ASP A 184 17.61 10.50 3.48
N VAL A 185 16.36 10.88 3.23
CA VAL A 185 16.04 11.88 2.23
C VAL A 185 16.64 13.24 2.61
N GLU A 186 17.06 13.41 3.87
CA GLU A 186 17.62 14.68 4.30
C GLU A 186 19.13 14.58 4.50
N THR A 187 19.57 13.57 5.26
CA THR A 187 20.97 13.48 5.68
C THR A 187 21.79 12.60 4.73
N GLY A 188 21.14 11.78 3.89
CA GLY A 188 21.87 10.84 3.05
C GLY A 188 22.40 9.63 3.82
N LYS A 189 22.22 9.60 5.15
CA LYS A 189 22.73 8.47 5.90
C LYS A 189 21.86 7.24 5.58
N LEU A 190 22.46 6.06 5.60
CA LEU A 190 21.78 4.85 5.16
C LEU A 190 21.15 4.13 6.33
N LEU A 191 19.93 3.63 6.10
CA LEU A 191 19.35 2.63 6.97
C LEU A 191 19.26 1.34 6.16
N THR A 192 20.13 0.40 6.50
CA THR A 192 20.22 -0.90 5.83
C THR A 192 20.05 -2.01 6.87
N SER A 193 18.80 -2.46 7.07
CA SER A 193 18.42 -3.34 8.16
C SER A 193 19.22 -4.64 8.15
N ASN A 194 19.65 -5.09 6.96
CA ASN A 194 20.32 -6.38 6.84
C ASN A 194 21.79 -6.20 6.42
N ILE A 195 22.35 -4.99 6.54
CA ILE A 195 23.79 -4.79 6.37
C ILE A 195 24.26 -3.90 7.53
N PRO A 196 24.60 -4.46 8.71
CA PRO A 196 25.19 -3.66 9.79
C PRO A 196 26.32 -2.72 9.37
N ALA A 197 27.13 -3.09 8.37
CA ALA A 197 28.26 -2.28 7.94
C ALA A 197 27.86 -0.87 7.51
N ALA A 198 26.90 -0.81 6.59
CA ALA A 198 26.66 0.44 5.88
C ALA A 198 25.80 1.39 6.72
N MET A 199 25.19 0.85 7.78
CA MET A 199 24.24 1.53 8.64
C MET A 199 24.81 2.85 9.13
N GLY A 200 24.11 3.94 8.83
CA GLY A 200 24.43 5.26 9.38
C GLY A 200 25.37 6.08 8.51
N HIS A 201 25.90 5.50 7.43
CA HIS A 201 26.91 6.18 6.63
C HIS A 201 26.32 6.94 5.45
N THR A 202 27.01 8.00 5.02
CA THR A 202 26.58 8.75 3.86
C THR A 202 27.21 8.16 2.61
N LEU A 203 26.64 7.04 2.16
CA LEU A 203 27.23 6.22 1.11
C LEU A 203 27.47 7.05 -0.15
N GLN A 204 26.47 7.83 -0.58
CA GLN A 204 26.64 8.59 -1.80
C GLN A 204 27.81 9.58 -1.70
N ARG A 205 27.88 10.37 -0.63
CA ARG A 205 28.93 11.34 -0.37
C ARG A 205 30.30 10.64 -0.40
N ASP A 206 30.44 9.58 0.40
CA ASP A 206 31.65 8.80 0.54
C ASP A 206 32.18 8.30 -0.81
N LEU A 207 31.28 7.85 -1.70
CA LEU A 207 31.70 7.26 -2.96
C LEU A 207 32.05 8.34 -3.97
N GLU A 208 31.27 9.43 -3.97
CA GLU A 208 31.54 10.53 -4.87
C GLU A 208 32.95 11.05 -4.62
N GLU A 209 33.38 11.04 -3.35
CA GLU A 209 34.72 11.38 -2.95
C GLU A 209 35.70 10.42 -3.64
N ARG A 210 35.69 9.16 -3.20
CA ARG A 210 36.60 8.11 -3.60
C ARG A 210 36.65 7.86 -5.10
N LEU A 211 35.62 8.29 -5.87
CA LEU A 211 35.54 7.93 -7.29
C LEU A 211 35.38 9.19 -8.14
N GLN A 212 35.50 10.35 -7.50
CA GLN A 212 35.63 11.63 -8.17
C GLN A 212 34.57 11.83 -9.25
N ARG A 213 33.32 11.41 -8.99
CA ARG A 213 32.24 11.70 -9.93
C ARG A 213 30.88 11.54 -9.24
N PRO A 214 29.77 11.98 -9.88
CA PRO A 214 28.42 11.80 -9.32
C PRO A 214 28.07 10.31 -9.15
N VAL A 215 27.31 9.99 -8.10
CA VAL A 215 26.80 8.66 -7.84
C VAL A 215 25.29 8.79 -7.58
N LYS A 216 24.48 7.92 -8.19
CA LYS A 216 23.07 7.87 -7.81
C LYS A 216 22.82 6.63 -6.97
N ILE A 217 22.11 6.80 -5.85
CA ILE A 217 21.68 5.72 -5.00
C ILE A 217 20.17 5.54 -5.13
N GLU A 218 19.72 4.29 -5.11
CA GLU A 218 18.31 3.98 -5.24
C GLU A 218 18.10 2.67 -4.48
N ASN A 219 16.86 2.43 -4.05
CA ASN A 219 16.55 1.21 -3.34
C ASN A 219 16.61 0.04 -4.34
N ASP A 220 17.19 -1.09 -3.87
CA ASP A 220 17.31 -2.34 -4.63
C ASP A 220 15.98 -2.77 -5.26
N ALA A 221 14.89 -2.77 -4.48
CA ALA A 221 13.60 -3.26 -4.97
C ALA A 221 13.01 -2.28 -5.98
N ASN A 222 13.32 -0.99 -5.85
CA ASN A 222 12.86 0.00 -6.82
C ASN A 222 13.57 -0.21 -8.17
N CYS A 223 14.89 -0.42 -8.11
CA CYS A 223 15.65 -0.72 -9.31
C CYS A 223 15.12 -1.97 -10.01
N PHE A 224 14.91 -3.03 -9.21
CA PHE A 224 14.38 -4.28 -9.73
C PHE A 224 13.08 -4.03 -10.46
N ALA A 225 12.16 -3.32 -9.78
CA ALA A 225 10.82 -3.12 -10.32
C ALA A 225 10.89 -2.28 -11.59
N LEU A 226 11.72 -1.22 -11.58
CA LEU A 226 11.94 -0.39 -12.75
C LEU A 226 12.36 -1.24 -13.94
N SER A 227 13.40 -2.06 -13.75
CA SER A 227 13.88 -2.87 -14.86
C SER A 227 12.79 -3.84 -15.32
N GLU A 228 12.17 -4.57 -14.40
CA GLU A 228 11.13 -5.52 -14.78
C GLU A 228 9.95 -4.85 -15.48
N ALA A 229 9.56 -3.65 -15.05
CA ALA A 229 8.41 -2.98 -15.65
C ALA A 229 8.66 -2.47 -17.06
N TRP A 230 9.93 -2.18 -17.41
N TRP A 230 9.94 -2.18 -17.39
CA TRP A 230 10.17 -1.64 -18.74
CA TRP A 230 10.44 -1.69 -18.67
C TRP A 230 10.24 -2.73 -19.81
C TRP A 230 10.24 -2.73 -19.79
N ASP A 231 10.17 -4.01 -19.39
CA ASP A 231 10.02 -5.12 -20.33
C ASP A 231 8.81 -4.88 -21.23
N GLU A 232 8.96 -5.18 -22.51
CA GLU A 232 7.94 -4.90 -23.52
C GLU A 232 6.63 -5.57 -23.18
N ASP A 233 6.69 -6.67 -22.43
CA ASP A 233 5.52 -7.43 -22.03
C ASP A 233 4.71 -6.72 -20.93
N LEU A 234 5.29 -5.75 -20.22
CA LEU A 234 4.60 -5.12 -19.09
C LEU A 234 4.42 -3.61 -19.30
N ARG A 235 4.97 -3.09 -20.40
CA ARG A 235 5.24 -1.67 -20.63
C ARG A 235 3.99 -0.82 -20.47
N GLY A 236 2.82 -1.35 -20.88
CA GLY A 236 1.58 -0.59 -20.80
C GLY A 236 0.70 -0.94 -19.59
N GLU A 237 1.25 -1.61 -18.57
CA GLU A 237 0.44 -2.01 -17.43
C GLU A 237 0.24 -0.81 -16.51
N PRO A 238 -0.96 -0.59 -15.93
CA PRO A 238 -1.19 0.59 -15.09
C PRO A 238 -0.35 0.57 -13.80
N SER A 239 -0.01 -0.63 -13.30
CA SER A 239 0.83 -0.75 -12.12
C SER A 239 1.58 -2.08 -12.11
N VAL A 240 2.76 -2.05 -11.48
CA VAL A 240 3.62 -3.20 -11.32
C VAL A 240 4.20 -3.14 -9.91
N LEU A 241 4.05 -4.25 -9.18
CA LEU A 241 4.76 -4.43 -7.93
C LEU A 241 5.91 -5.40 -8.14
N GLY A 242 7.12 -4.90 -7.92
CA GLY A 242 8.32 -5.73 -7.84
C GLY A 242 8.58 -6.15 -6.40
N LEU A 243 8.62 -7.45 -6.18
CA LEU A 243 8.77 -8.00 -4.84
C LEU A 243 10.05 -8.85 -4.74
N ILE A 244 10.93 -8.47 -3.80
CA ILE A 244 12.17 -9.19 -3.57
C ILE A 244 12.05 -10.00 -2.29
N LEU A 245 12.34 -11.29 -2.39
CA LEU A 245 12.33 -12.19 -1.26
C LEU A 245 13.69 -12.85 -1.18
N GLY A 246 14.59 -12.27 -0.38
CA GLY A 246 15.97 -12.73 -0.27
C GLY A 246 16.43 -12.78 1.17
N THR A 247 17.43 -11.95 1.50
CA THR A 247 17.82 -11.74 2.89
C THR A 247 16.72 -10.96 3.60
N GLY A 248 16.10 -10.02 2.86
CA GLY A 248 14.99 -9.20 3.32
C GLY A 248 13.77 -9.31 2.41
N VAL A 249 12.70 -8.59 2.77
CA VAL A 249 11.54 -8.45 1.92
C VAL A 249 11.47 -6.99 1.47
N GLY A 250 11.38 -6.80 0.15
CA GLY A 250 11.44 -5.48 -0.47
C GLY A 250 10.41 -5.35 -1.58
N GLY A 251 9.90 -4.13 -1.75
CA GLY A 251 8.87 -3.83 -2.74
C GLY A 251 9.24 -2.59 -3.55
N GLY A 252 8.94 -2.62 -4.84
CA GLY A 252 9.09 -1.49 -5.73
C GLY A 252 7.77 -1.23 -6.44
N LEU A 253 7.30 0.01 -6.29
CA LEU A 253 5.98 0.39 -6.79
C LEU A 253 6.13 1.24 -8.02
N ILE A 254 5.53 0.75 -9.10
CA ILE A 254 5.54 1.43 -10.39
C ILE A 254 4.09 1.67 -10.77
N PHE A 255 3.77 2.93 -11.03
CA PHE A 255 2.45 3.32 -11.49
C PHE A 255 2.64 4.03 -12.83
N ASN A 256 1.92 3.53 -13.86
CA ASN A 256 2.01 4.04 -15.22
C ASN A 256 3.48 4.23 -15.60
N GLY A 257 4.27 3.18 -15.38
CA GLY A 257 5.65 3.14 -15.78
C GLY A 257 6.57 4.06 -14.99
N LYS A 258 6.10 4.67 -13.89
CA LYS A 258 6.96 5.56 -13.14
C LYS A 258 7.08 5.10 -11.69
N VAL A 259 8.30 5.14 -11.14
CA VAL A 259 8.50 4.67 -9.77
C VAL A 259 7.90 5.67 -8.79
N HIS A 260 7.11 5.17 -7.82
CA HIS A 260 6.72 5.93 -6.65
C HIS A 260 7.73 5.64 -5.55
N SER A 261 8.61 6.60 -5.22
CA SER A 261 9.60 6.32 -4.19
C SER A 261 9.20 6.87 -2.82
N GLY A 262 8.19 7.77 -2.80
CA GLY A 262 7.55 8.19 -1.55
C GLY A 262 8.13 9.46 -0.92
N ARG A 263 7.46 9.98 0.11
CA ARG A 263 7.84 11.22 0.76
C ARG A 263 9.29 11.17 1.27
N ALA A 264 9.76 10.00 1.73
CA ALA A 264 11.10 9.93 2.30
C ALA A 264 11.83 8.67 1.83
N ASN A 265 11.57 8.21 0.58
CA ASN A 265 12.26 7.08 -0.04
C ASN A 265 11.86 5.77 0.63
N ILE A 266 10.68 5.73 1.27
CA ILE A 266 10.31 4.54 2.02
C ILE A 266 9.22 3.78 1.29
N ALA A 267 8.75 4.30 0.16
CA ALA A 267 7.70 3.60 -0.56
C ALA A 267 8.14 2.18 -0.86
N GLY A 268 7.20 1.25 -0.62
CA GLY A 268 7.35 -0.16 -0.90
C GLY A 268 8.16 -0.93 0.16
N GLU A 269 8.36 -0.32 1.35
CA GLU A 269 9.09 -0.99 2.42
C GLU A 269 8.17 -1.98 3.15
N ILE A 270 7.48 -2.83 2.38
CA ILE A 270 6.50 -3.78 2.91
C ILE A 270 7.14 -4.74 3.91
N GLY A 271 8.46 -4.94 3.80
CA GLY A 271 9.20 -5.79 4.74
C GLY A 271 9.15 -5.27 6.17
N HIS A 272 8.94 -3.95 6.34
CA HIS A 272 8.88 -3.39 7.67
C HIS A 272 7.44 -3.03 8.05
N THR A 273 6.49 -3.85 7.64
CA THR A 273 5.13 -3.79 8.15
C THR A 273 5.01 -5.03 9.01
N ARG A 274 4.21 -4.97 10.08
CA ARG A 274 4.15 -6.05 11.05
C ARG A 274 3.19 -7.10 10.54
N LEU A 275 3.37 -8.34 11.00
CA LEU A 275 2.51 -9.46 10.65
C LEU A 275 1.05 -9.07 10.88
N PRO A 276 0.14 -9.24 9.90
CA PRO A 276 -1.28 -9.04 10.15
C PRO A 276 -1.87 -10.13 11.04
N TYR A 277 -3.02 -9.83 11.63
CA TYR A 277 -3.70 -10.67 12.59
C TYR A 277 -3.88 -12.09 12.04
N ASP A 278 -4.29 -12.22 10.78
CA ASP A 278 -4.60 -13.54 10.22
C ASP A 278 -3.31 -14.36 10.10
N ALA A 279 -2.16 -13.69 9.92
CA ALA A 279 -0.89 -14.39 9.86
C ALA A 279 -0.49 -14.84 11.27
N LEU A 280 -0.71 -13.96 12.27
CA LEU A 280 -0.39 -14.30 13.64
C LEU A 280 -1.21 -15.50 14.09
N LYS A 281 -2.47 -15.53 13.67
CA LYS A 281 -3.37 -16.61 14.03
C LYS A 281 -2.82 -17.90 13.43
N LEU A 282 -2.32 -17.86 12.18
CA LEU A 282 -1.77 -19.06 11.56
C LEU A 282 -0.60 -19.60 12.39
N LEU A 283 0.22 -18.71 12.97
CA LEU A 283 1.43 -19.10 13.68
C LEU A 283 1.21 -19.26 15.19
N GLY A 284 -0.05 -19.35 15.66
CA GLY A 284 -0.32 -19.66 17.06
C GLY A 284 -0.47 -18.47 18.01
N MET A 285 -0.78 -17.28 17.48
CA MET A 285 -1.19 -16.10 18.24
C MET A 285 -0.14 -15.73 19.29
N GLU A 286 -0.44 -15.94 20.58
CA GLU A 286 0.50 -15.54 21.64
C GLU A 286 1.71 -16.47 21.67
N ASN A 287 1.63 -17.61 20.98
CA ASN A 287 2.76 -18.53 20.84
C ASN A 287 3.51 -18.37 19.51
N ALA A 288 3.12 -17.41 18.68
CA ALA A 288 3.78 -17.20 17.41
C ALA A 288 5.20 -16.71 17.66
N PRO A 289 6.20 -17.13 16.85
CA PRO A 289 7.54 -16.57 16.97
C PRO A 289 7.52 -15.08 16.59
N ILE A 290 8.08 -14.25 17.47
CA ILE A 290 8.16 -12.83 17.19
C ILE A 290 9.62 -12.51 16.91
N PHE A 291 10.00 -12.35 15.63
CA PHE A 291 11.41 -12.18 15.35
C PHE A 291 11.81 -10.71 15.44
N PRO A 292 12.95 -10.39 16.08
CA PRO A 292 13.48 -9.02 16.10
C PRO A 292 13.91 -8.59 14.70
N CYS A 293 13.89 -7.29 14.44
CA CYS A 293 14.18 -6.78 13.10
C CYS A 293 15.39 -5.86 13.14
N GLY A 294 16.13 -5.81 12.03
CA GLY A 294 17.23 -4.87 11.88
C GLY A 294 16.78 -3.41 11.99
N CYS A 295 15.50 -3.12 11.66
CA CYS A 295 14.98 -1.76 11.80
C CYS A 295 14.77 -1.43 13.29
N LYS A 296 14.87 -2.43 14.17
CA LYS A 296 14.77 -2.30 15.62
C LYS A 296 13.33 -2.47 16.11
N ASN A 297 12.37 -2.57 15.18
CA ASN A 297 11.01 -2.96 15.56
C ASN A 297 11.02 -4.49 15.74
N SER A 298 9.82 -5.08 15.86
CA SER A 298 9.75 -6.52 15.90
C SER A 298 8.43 -7.06 15.33
N GLY A 299 8.48 -8.27 14.79
CA GLY A 299 7.36 -8.85 14.05
C GLY A 299 7.21 -8.38 12.61
N CYS A 300 8.21 -7.64 12.08
CA CYS A 300 8.27 -7.19 10.69
C CYS A 300 8.33 -8.39 9.74
N ILE A 301 7.57 -8.32 8.61
CA ILE A 301 7.46 -9.46 7.71
C ILE A 301 8.79 -9.81 7.03
N ASP A 302 9.72 -8.84 6.96
CA ASP A 302 11.10 -8.99 6.51
C ASP A 302 11.72 -10.29 7.05
N ASN A 303 11.33 -10.71 8.25
CA ASN A 303 11.95 -11.82 8.97
C ASN A 303 11.09 -13.07 8.86
N TYR A 304 10.12 -13.09 7.93
CA TYR A 304 9.19 -14.21 7.85
C TYR A 304 9.09 -14.66 6.40
N LEU A 305 8.98 -13.72 5.46
CA LEU A 305 8.66 -14.08 4.09
C LEU A 305 9.90 -14.09 3.21
N SER A 306 11.04 -13.61 3.73
CA SER A 306 12.29 -13.64 2.97
C SER A 306 12.84 -15.08 2.96
N GLY A 307 13.90 -15.33 2.18
CA GLY A 307 14.59 -16.60 2.28
C GLY A 307 15.12 -16.84 3.71
N ARG A 308 15.67 -15.76 4.29
CA ARG A 308 16.13 -15.82 5.67
C ARG A 308 14.99 -16.21 6.61
N GLY A 309 13.81 -15.62 6.37
CA GLY A 309 12.65 -15.81 7.24
C GLY A 309 12.10 -17.23 7.11
N PHE A 310 12.08 -17.73 5.87
CA PHE A 310 11.76 -19.11 5.55
C PHE A 310 12.62 -20.04 6.41
N GLU A 311 13.93 -19.75 6.49
CA GLU A 311 14.89 -20.51 7.28
C GLU A 311 14.58 -20.38 8.78
N GLN A 312 14.37 -19.15 9.26
CA GLN A 312 14.13 -18.89 10.67
C GLN A 312 12.85 -19.57 11.14
N LEU A 313 11.85 -19.63 10.25
CA LEU A 313 10.60 -20.24 10.60
C LEU A 313 10.81 -21.74 10.74
N TYR A 314 11.58 -22.34 9.82
CA TYR A 314 11.93 -23.76 9.94
C TYR A 314 12.63 -24.05 11.27
N ASP A 315 13.69 -23.30 11.54
CA ASP A 315 14.48 -23.48 12.76
C ASP A 315 13.59 -23.36 14.00
N HIS A 316 12.74 -22.33 14.04
CA HIS A 316 11.88 -22.12 15.20
C HIS A 316 11.02 -23.36 15.48
N TYR A 317 10.40 -23.96 14.47
CA TYR A 317 9.51 -25.08 14.73
C TYR A 317 10.24 -26.41 14.90
N PHE A 318 11.46 -26.55 14.32
CA PHE A 318 12.07 -27.87 14.21
C PHE A 318 13.47 -27.96 14.83
N SER A 319 14.00 -26.84 15.34
CA SER A 319 15.29 -26.78 16.01
C SER A 319 16.39 -27.42 15.16
N GLU A 320 16.54 -26.93 13.93
CA GLU A 320 17.70 -27.24 13.11
C GLU A 320 17.95 -26.10 12.13
N LYS A 321 19.20 -25.66 12.00
CA LYS A 321 19.55 -24.55 11.14
C LYS A 321 19.84 -24.98 9.69
N LEU A 322 18.80 -25.38 8.96
CA LEU A 322 18.91 -25.71 7.54
C LEU A 322 18.80 -24.44 6.69
N SER A 323 19.40 -24.47 5.49
CA SER A 323 19.26 -23.41 4.51
C SER A 323 17.96 -23.62 3.74
N ALA A 324 17.49 -22.55 3.09
CA ALA A 324 16.27 -22.64 2.30
C ALA A 324 16.39 -23.73 1.22
N PRO A 325 17.46 -23.75 0.39
CA PRO A 325 17.61 -24.77 -0.66
C PRO A 325 17.55 -26.20 -0.10
N GLU A 326 18.16 -26.39 1.07
CA GLU A 326 18.17 -27.65 1.81
C GLU A 326 16.75 -28.04 2.22
N ILE A 327 16.01 -27.10 2.84
CA ILE A 327 14.62 -27.34 3.21
C ILE A 327 13.79 -27.70 1.97
N ILE A 328 14.00 -26.94 0.88
CA ILE A 328 13.22 -27.21 -0.33
C ILE A 328 13.53 -28.61 -0.88
N ALA A 329 14.82 -28.98 -0.89
CA ALA A 329 15.25 -30.32 -1.29
C ALA A 329 14.54 -31.38 -0.45
N HIS A 330 14.55 -31.22 0.88
CA HIS A 330 13.83 -32.14 1.73
C HIS A 330 12.36 -32.17 1.36
N TYR A 331 11.80 -30.99 1.01
CA TYR A 331 10.39 -30.90 0.65
C TYR A 331 10.14 -31.72 -0.61
N GLU A 332 11.02 -31.53 -1.60
CA GLU A 332 10.95 -32.29 -2.84
C GLU A 332 10.96 -33.80 -2.56
N GLN A 333 11.65 -34.26 -1.50
CA GLN A 333 11.71 -35.69 -1.20
CA GLN A 333 11.72 -35.69 -1.19
C GLN A 333 10.48 -36.12 -0.41
N GLY A 334 9.65 -35.17 0.01
CA GLY A 334 8.44 -35.47 0.76
C GLY A 334 8.69 -35.72 2.26
N GLU A 335 9.81 -35.20 2.78
CA GLU A 335 10.11 -35.37 4.19
C GLU A 335 9.09 -34.61 5.08
N ARG A 336 8.64 -35.27 6.15
CA ARG A 336 7.54 -34.81 7.01
C ARG A 336 7.67 -33.35 7.44
N ARG A 337 8.75 -33.00 8.15
CA ARG A 337 9.01 -31.67 8.66
C ARG A 337 8.96 -30.62 7.54
N ALA A 338 9.67 -30.88 6.45
CA ALA A 338 9.74 -29.92 5.35
C ALA A 338 8.36 -29.72 4.70
N VAL A 339 7.55 -30.78 4.61
CA VAL A 339 6.22 -30.69 4.02
C VAL A 339 5.32 -29.84 4.93
N GLN A 340 5.47 -30.01 6.24
CA GLN A 340 4.72 -29.24 7.21
C GLN A 340 5.11 -27.76 7.12
N HIS A 341 6.43 -27.50 7.02
CA HIS A 341 6.97 -26.15 6.94
C HIS A 341 6.47 -25.44 5.69
N VAL A 342 6.53 -26.12 4.55
CA VAL A 342 6.20 -25.50 3.28
C VAL A 342 4.70 -25.17 3.24
N GLU A 343 3.86 -26.03 3.80
CA GLU A 343 2.43 -25.79 3.86
C GLU A 343 2.15 -24.52 4.69
N ARG A 344 2.79 -24.44 5.86
CA ARG A 344 2.67 -23.30 6.75
C ARG A 344 3.17 -22.04 6.03
N PHE A 345 4.33 -22.16 5.37
CA PHE A 345 4.94 -20.98 4.79
C PHE A 345 4.10 -20.50 3.59
N MET A 346 3.54 -21.42 2.80
CA MET A 346 2.78 -21.03 1.63
C MET A 346 1.53 -20.28 2.08
N GLU A 347 0.87 -20.80 3.14
CA GLU A 347 -0.30 -20.15 3.68
C GLU A 347 0.06 -18.77 4.24
N LEU A 348 1.16 -18.69 4.98
CA LEU A 348 1.62 -17.43 5.54
C LEU A 348 1.89 -16.42 4.45
N LEU A 349 2.60 -16.83 3.39
CA LEU A 349 2.90 -15.95 2.27
C LEU A 349 1.59 -15.44 1.64
N ALA A 350 0.61 -16.34 1.43
CA ALA A 350 -0.64 -15.95 0.80
C ALA A 350 -1.39 -14.94 1.68
N ILE A 351 -1.38 -15.17 2.99
CA ILE A 351 -2.07 -14.26 3.91
C ILE A 351 -1.44 -12.87 3.85
N CYS A 352 -0.11 -12.79 3.99
CA CYS A 352 0.55 -11.50 4.02
C CYS A 352 0.40 -10.77 2.68
N LEU A 353 0.52 -11.50 1.57
CA LEU A 353 0.45 -10.85 0.28
C LEU A 353 -0.99 -10.41 0.01
N ALA A 354 -1.97 -11.21 0.47
CA ALA A 354 -3.37 -10.83 0.31
C ALA A 354 -3.65 -9.51 1.02
N ASN A 355 -3.05 -9.32 2.21
CA ASN A 355 -3.14 -8.07 2.96
C ASN A 355 -2.58 -6.95 2.11
N ILE A 356 -1.36 -7.14 1.62
CA ILE A 356 -0.70 -6.11 0.83
C ILE A 356 -1.49 -5.82 -0.45
N PHE A 357 -2.10 -6.83 -1.11
CA PHE A 357 -2.79 -6.61 -2.36
C PHE A 357 -4.16 -5.94 -2.15
N THR A 358 -4.66 -6.01 -0.91
CA THR A 358 -5.92 -5.36 -0.61
C THR A 358 -5.67 -3.86 -0.53
N CYS A 359 -4.51 -3.47 -0.02
CA CYS A 359 -4.07 -2.09 -0.04
C CYS A 359 -3.66 -1.65 -1.47
N LEU A 360 -2.77 -2.40 -2.13
CA LEU A 360 -2.11 -1.93 -3.36
C LEU A 360 -2.82 -2.37 -4.65
N ASP A 361 -3.53 -3.50 -4.64
CA ASP A 361 -4.19 -4.01 -5.83
C ASP A 361 -3.34 -3.87 -7.12
N PRO A 362 -2.09 -4.40 -7.18
CA PRO A 362 -1.27 -4.25 -8.39
C PRO A 362 -1.76 -5.12 -9.55
N HIS A 363 -1.45 -4.65 -10.76
CA HIS A 363 -1.83 -5.37 -11.97
C HIS A 363 -0.93 -6.59 -12.16
N VAL A 364 0.37 -6.42 -11.88
CA VAL A 364 1.39 -7.45 -12.06
C VAL A 364 2.28 -7.49 -10.84
N VAL A 365 2.63 -8.69 -10.38
CA VAL A 365 3.62 -8.86 -9.34
C VAL A 365 4.78 -9.66 -9.91
N VAL A 366 6.00 -9.10 -9.82
CA VAL A 366 7.19 -9.78 -10.32
C VAL A 366 8.06 -10.17 -9.12
N LEU A 367 8.35 -11.47 -8.94
CA LEU A 367 9.15 -11.90 -7.81
C LEU A 367 10.65 -12.02 -8.17
N GLY A 368 11.50 -11.57 -7.23
CA GLY A 368 12.94 -11.63 -7.36
C GLY A 368 13.57 -12.04 -6.02
N GLY A 369 14.92 -12.09 -6.00
CA GLY A 369 15.71 -12.57 -4.87
C GLY A 369 15.73 -14.10 -4.81
N GLY A 370 16.57 -14.63 -3.92
CA GLY A 370 16.85 -16.05 -3.83
C GLY A 370 15.57 -16.90 -3.79
N LEU A 371 14.61 -16.49 -2.96
CA LEU A 371 13.47 -17.35 -2.71
C LEU A 371 12.52 -17.38 -3.90
N SER A 372 12.73 -16.47 -4.87
CA SER A 372 11.89 -16.48 -6.07
C SER A 372 12.19 -17.70 -6.95
N ASN A 373 13.24 -18.46 -6.60
CA ASN A 373 13.57 -19.66 -7.36
C ASN A 373 12.71 -20.83 -6.93
N PHE A 374 12.00 -20.69 -5.82
CA PHE A 374 11.17 -21.80 -5.34
C PHE A 374 9.91 -21.85 -6.19
N GLU A 375 9.86 -22.76 -7.17
CA GLU A 375 8.82 -22.79 -8.20
C GLU A 375 7.42 -23.00 -7.62
N LEU A 376 7.32 -23.73 -6.50
CA LEU A 376 6.03 -23.98 -5.87
C LEU A 376 5.23 -22.68 -5.64
N ILE A 377 5.93 -21.58 -5.33
CA ILE A 377 5.31 -20.28 -5.11
C ILE A 377 4.33 -19.92 -6.24
N TYR A 378 4.74 -20.08 -7.52
CA TYR A 378 3.95 -19.64 -8.67
C TYR A 378 2.72 -20.51 -8.87
N GLN A 379 2.73 -21.73 -8.34
CA GLN A 379 1.58 -22.61 -8.44
CA GLN A 379 1.58 -22.60 -8.45
C GLN A 379 0.66 -22.41 -7.23
N GLU A 380 1.26 -22.16 -6.06
CA GLU A 380 0.51 -22.09 -4.81
C GLU A 380 -0.20 -20.75 -4.57
N LEU A 381 0.50 -19.63 -4.81
CA LEU A 381 -0.09 -18.31 -4.54
C LEU A 381 -1.46 -18.16 -5.21
N PRO A 382 -1.61 -18.40 -6.53
CA PRO A 382 -2.91 -18.24 -7.17
C PRO A 382 -3.97 -19.13 -6.54
N LYS A 383 -3.58 -20.25 -5.94
CA LYS A 383 -4.61 -21.08 -5.34
C LYS A 383 -5.02 -20.54 -3.99
N ARG A 384 -4.07 -20.01 -3.22
CA ARG A 384 -4.34 -19.70 -1.82
C ARG A 384 -4.78 -18.25 -1.60
N LEU A 385 -4.48 -17.34 -2.55
CA LEU A 385 -4.78 -15.91 -2.38
C LEU A 385 -6.29 -15.65 -2.29
N PRO A 386 -7.14 -16.24 -3.17
CA PRO A 386 -8.56 -15.89 -3.19
C PRO A 386 -9.26 -15.93 -1.83
N ALA A 387 -8.97 -16.92 -1.00
CA ALA A 387 -9.67 -17.02 0.27
C ALA A 387 -9.41 -15.80 1.14
N HIS A 388 -8.31 -15.08 0.92
CA HIS A 388 -7.92 -14.01 1.84
C HIS A 388 -8.12 -12.62 1.25
N LEU A 389 -8.46 -12.55 -0.05
CA LEU A 389 -8.76 -11.29 -0.72
C LEU A 389 -10.27 -11.02 -0.62
N LEU A 390 -10.68 -9.81 -1.01
CA LEU A 390 -12.10 -9.47 -1.09
C LEU A 390 -12.79 -10.27 -2.19
N HIS A 391 -14.07 -10.55 -1.98
CA HIS A 391 -14.87 -11.42 -2.84
C HIS A 391 -14.75 -11.05 -4.33
N VAL A 392 -14.59 -9.78 -4.67
CA VAL A 392 -14.60 -9.40 -6.07
C VAL A 392 -13.18 -9.12 -6.57
N ALA A 393 -12.17 -9.45 -5.76
CA ALA A 393 -10.78 -9.31 -6.20
C ALA A 393 -10.49 -10.21 -7.40
N LYS A 394 -9.63 -9.75 -8.31
CA LYS A 394 -9.12 -10.62 -9.36
C LYS A 394 -7.62 -10.71 -9.14
N LEU A 395 -7.02 -11.88 -9.41
CA LEU A 395 -5.61 -12.07 -9.10
C LEU A 395 -4.79 -11.19 -10.03
N PRO A 396 -3.69 -10.60 -9.54
CA PRO A 396 -2.74 -9.97 -10.45
C PRO A 396 -2.03 -11.08 -11.22
N LYS A 397 -1.38 -10.73 -12.32
CA LYS A 397 -0.47 -11.60 -13.02
C LYS A 397 0.77 -11.74 -12.15
N ILE A 398 1.01 -12.95 -11.61
CA ILE A 398 2.18 -13.20 -10.79
C ILE A 398 3.24 -13.96 -11.60
N ILE A 399 4.41 -13.33 -11.77
CA ILE A 399 5.46 -13.86 -12.60
C ILE A 399 6.82 -13.77 -11.90
N LYS A 400 7.71 -14.70 -12.31
CA LYS A 400 9.10 -14.74 -11.90
C LYS A 400 9.87 -13.71 -12.74
N ALA A 401 10.87 -13.07 -12.14
CA ALA A 401 11.69 -12.08 -12.82
C ALA A 401 12.08 -12.49 -14.24
N ARG A 402 11.85 -11.60 -15.21
CA ARG A 402 12.18 -11.84 -16.61
CA ARG A 402 12.18 -11.83 -16.61
C ARG A 402 13.66 -11.59 -16.89
N HIS A 403 14.38 -10.95 -15.96
CA HIS A 403 15.78 -10.65 -16.23
C HIS A 403 16.65 -11.44 -15.27
N GLY A 404 16.09 -12.56 -14.81
CA GLY A 404 16.78 -13.41 -13.86
C GLY A 404 17.25 -12.57 -12.68
N ASP A 405 18.55 -12.58 -12.45
CA ASP A 405 19.09 -11.93 -11.27
C ASP A 405 19.70 -10.59 -11.65
N ALA A 406 19.35 -10.06 -12.83
CA ALA A 406 20.00 -8.86 -13.36
C ALA A 406 19.11 -7.60 -13.30
N GLY A 407 17.83 -7.75 -12.90
CA GLY A 407 16.88 -6.65 -12.79
C GLY A 407 17.43 -5.44 -12.00
N GLY A 408 17.98 -5.73 -10.82
CA GLY A 408 18.54 -4.73 -9.94
C GLY A 408 19.72 -4.00 -10.59
N VAL A 409 20.66 -4.75 -11.17
CA VAL A 409 21.84 -4.19 -11.80
C VAL A 409 21.43 -3.30 -12.96
N ARG A 410 20.52 -3.81 -13.79
CA ARG A 410 20.02 -3.05 -14.92
C ARG A 410 19.34 -1.77 -14.45
N GLY A 411 18.46 -1.90 -13.45
CA GLY A 411 17.72 -0.75 -12.94
C GLY A 411 18.68 0.33 -12.42
N ALA A 412 19.69 -0.10 -11.64
CA ALA A 412 20.64 0.81 -11.05
C ALA A 412 21.45 1.50 -12.16
N ALA A 413 21.83 0.76 -13.20
CA ALA A 413 22.76 1.32 -14.17
C ALA A 413 22.02 2.34 -15.01
N PHE A 414 20.72 2.10 -15.24
CA PHE A 414 19.94 2.95 -16.13
C PHE A 414 19.31 4.14 -15.40
N LEU A 415 19.57 4.29 -14.09
CA LEU A 415 19.21 5.54 -13.43
C LEU A 415 19.92 6.69 -14.15
N ASN A 416 21.17 6.45 -14.58
CA ASN A 416 21.97 7.46 -15.26
C ASN A 416 21.69 7.45 -16.77
N LEU A 417 20.53 6.91 -17.17
CA LEU A 417 20.23 6.83 -18.59
C LEU A 417 19.31 8.01 -18.93
N PHE B 112 -29.64 29.26 -22.73
CA PHE B 112 -29.38 27.86 -22.32
C PHE B 112 -28.60 27.86 -21.00
N GLN B 113 -28.43 26.66 -20.43
CA GLN B 113 -27.72 26.49 -19.17
C GLN B 113 -26.28 26.04 -19.42
N GLY B 114 -26.06 25.24 -20.48
CA GLY B 114 -24.78 24.61 -20.75
C GLY B 114 -24.68 23.18 -20.18
N THR B 115 -23.45 22.65 -20.17
CA THR B 115 -23.15 21.38 -19.53
C THR B 115 -23.44 21.51 -18.03
N MET B 116 -24.13 20.50 -17.49
CA MET B 116 -24.28 20.31 -16.06
C MET B 116 -23.71 18.95 -15.64
N TYR B 117 -22.88 18.95 -14.59
CA TYR B 117 -22.28 17.75 -14.00
C TYR B 117 -22.93 17.38 -12.68
N TYR B 118 -23.53 16.18 -12.63
CA TYR B 118 -24.12 15.69 -11.40
C TYR B 118 -23.21 14.69 -10.70
N GLY B 119 -23.19 14.76 -9.37
CA GLY B 119 -22.40 13.89 -8.51
C GLY B 119 -23.26 13.35 -7.38
N PHE B 120 -23.10 12.06 -7.08
CA PHE B 120 -23.77 11.48 -5.93
C PHE B 120 -22.71 10.91 -5.01
N ASP B 121 -22.93 11.09 -3.72
CA ASP B 121 -22.13 10.45 -2.71
C ASP B 121 -23.05 9.56 -1.91
N ILE B 122 -23.06 8.26 -2.21
CA ILE B 122 -24.00 7.34 -1.61
C ILE B 122 -23.44 6.77 -0.31
N GLY B 123 -24.16 6.97 0.79
CA GLY B 123 -23.80 6.43 2.09
C GLY B 123 -24.88 5.48 2.60
N GLY B 124 -24.57 4.83 3.73
CA GLY B 124 -25.50 3.98 4.46
C GLY B 124 -26.86 4.66 4.71
N THR B 125 -26.83 5.90 5.22
CA THR B 125 -28.03 6.60 5.68
C THR B 125 -28.55 7.58 4.62
N LYS B 126 -27.65 8.41 4.06
CA LYS B 126 -28.06 9.46 3.15
C LYS B 126 -27.27 9.40 1.85
N ILE B 127 -28.00 9.75 0.79
CA ILE B 127 -27.46 10.01 -0.53
C ILE B 127 -27.32 11.53 -0.66
N GLU B 128 -26.08 12.02 -0.82
CA GLU B 128 -25.90 13.43 -1.12
C GLU B 128 -25.80 13.64 -2.62
N PHE B 129 -26.55 14.63 -3.13
CA PHE B 129 -26.51 15.03 -4.53
C PHE B 129 -25.99 16.47 -4.69
N GLY B 130 -25.27 16.68 -5.77
CA GLY B 130 -24.74 17.97 -6.12
C GLY B 130 -24.85 18.15 -7.64
N ALA B 131 -25.20 19.35 -8.10
CA ALA B 131 -25.10 19.68 -9.50
C ALA B 131 -24.13 20.85 -9.66
N PHE B 132 -23.28 20.75 -10.68
CA PHE B 132 -22.27 21.76 -10.91
C PHE B 132 -22.38 22.23 -12.36
N ASP B 133 -22.37 23.54 -12.59
CA ASP B 133 -22.45 24.09 -13.93
C ASP B 133 -21.08 24.05 -14.62
N ALA B 134 -21.06 24.58 -15.83
CA ALA B 134 -19.90 24.57 -16.70
C ALA B 134 -18.74 25.29 -16.03
N ASP B 135 -19.03 26.17 -15.05
CA ASP B 135 -17.96 26.88 -14.37
C ASP B 135 -17.47 26.07 -13.19
N LEU B 136 -18.11 24.93 -12.96
CA LEU B 136 -17.89 24.03 -11.84
C LEU B 136 -18.42 24.62 -10.53
N VAL B 137 -19.39 25.54 -10.60
CA VAL B 137 -19.97 26.15 -9.42
C VAL B 137 -21.12 25.28 -8.97
N ARG B 138 -21.17 24.96 -7.67
CA ARG B 138 -22.26 24.12 -7.20
C ARG B 138 -23.56 24.93 -7.21
N VAL B 139 -24.59 24.42 -7.90
CA VAL B 139 -25.85 25.14 -8.07
C VAL B 139 -27.01 24.31 -7.53
N ALA B 140 -26.74 23.06 -7.13
CA ALA B 140 -27.76 22.31 -6.43
C ALA B 140 -27.12 21.48 -5.32
N ARG B 141 -27.92 21.24 -4.28
CA ARG B 141 -27.51 20.38 -3.20
C ARG B 141 -28.78 19.81 -2.59
N GLU B 142 -28.92 18.48 -2.68
CA GLU B 142 -30.04 17.76 -2.09
C GLU B 142 -29.48 16.62 -1.26
N ARG B 143 -30.28 16.15 -0.29
CA ARG B 143 -29.97 14.97 0.50
C ARG B 143 -31.25 14.16 0.68
N VAL B 144 -31.25 12.91 0.23
CA VAL B 144 -32.40 12.05 0.46
C VAL B 144 -31.94 10.86 1.28
N ALA B 145 -32.92 10.13 1.82
CA ALA B 145 -32.72 8.92 2.60
C ALA B 145 -32.20 7.84 1.67
N THR B 146 -31.16 7.10 2.07
CA THR B 146 -30.75 5.97 1.25
C THR B 146 -31.73 4.81 1.46
N PRO B 147 -32.57 4.43 0.45
CA PRO B 147 -33.52 3.32 0.60
C PRO B 147 -32.70 2.08 0.96
N THR B 148 -32.99 1.45 2.11
CA THR B 148 -32.13 0.39 2.62
C THR B 148 -32.66 -1.03 2.37
N GLU B 149 -33.89 -1.18 1.86
CA GLU B 149 -34.34 -2.54 1.58
C GLU B 149 -34.47 -2.78 0.08
N SER B 150 -35.44 -2.13 -0.58
CA SER B 150 -35.69 -2.35 -1.99
C SER B 150 -34.67 -1.63 -2.88
N TYR B 151 -34.07 -2.41 -3.78
CA TYR B 151 -33.15 -1.92 -4.79
C TYR B 151 -33.94 -1.11 -5.85
N ALA B 152 -35.22 -1.44 -6.05
CA ALA B 152 -36.03 -0.71 -7.01
C ALA B 152 -36.21 0.72 -6.50
N ALA B 153 -36.33 0.85 -5.17
CA ALA B 153 -36.47 2.11 -4.44
C ALA B 153 -35.17 2.92 -4.48
N PHE B 154 -34.05 2.20 -4.29
CA PHE B 154 -32.72 2.76 -4.38
C PHE B 154 -32.55 3.42 -5.75
N LEU B 155 -32.90 2.68 -6.80
CA LEU B 155 -32.78 3.16 -8.16
C LEU B 155 -33.67 4.40 -8.35
N ASP B 156 -34.84 4.36 -7.71
CA ASP B 156 -35.85 5.41 -7.82
C ASP B 156 -35.29 6.73 -7.29
N ALA B 157 -34.84 6.69 -6.02
CA ALA B 157 -34.20 7.80 -5.34
C ALA B 157 -33.20 8.52 -6.26
N ILE B 158 -32.24 7.78 -6.84
CA ILE B 158 -31.20 8.33 -7.70
C ILE B 158 -31.83 8.92 -8.97
N VAL B 159 -32.76 8.17 -9.56
CA VAL B 159 -33.32 8.53 -10.86
C VAL B 159 -34.10 9.85 -10.72
N THR B 160 -34.88 9.94 -9.65
CA THR B 160 -35.70 11.11 -9.36
C THR B 160 -34.82 12.35 -9.34
N LEU B 161 -33.75 12.34 -8.53
CA LEU B 161 -32.84 13.46 -8.39
C LEU B 161 -32.25 13.90 -9.73
N VAL B 162 -31.99 12.95 -10.63
CA VAL B 162 -31.40 13.28 -11.93
C VAL B 162 -32.43 14.01 -12.77
N ASN B 163 -33.68 13.55 -12.69
CA ASN B 163 -34.77 14.00 -13.54
C ASN B 163 -35.19 15.42 -13.13
N ASN B 164 -35.58 15.57 -11.86
CA ASN B 164 -35.84 16.85 -11.19
C ASN B 164 -34.84 17.91 -11.64
N ALA B 165 -33.55 17.60 -11.50
CA ALA B 165 -32.47 18.52 -11.80
C ALA B 165 -32.41 18.77 -13.31
N ASP B 166 -32.77 17.75 -14.10
CA ASP B 166 -32.75 17.89 -15.56
C ASP B 166 -33.84 18.89 -15.94
N ALA B 167 -35.00 18.77 -15.27
CA ALA B 167 -36.17 19.62 -15.49
C ALA B 167 -35.81 21.07 -15.14
N GLU B 168 -35.46 21.28 -13.86
CA GLU B 168 -35.09 22.55 -13.24
C GLU B 168 -34.06 23.32 -14.07
N PHE B 169 -33.04 22.66 -14.60
CA PHE B 169 -31.98 23.40 -15.28
C PHE B 169 -32.18 23.32 -16.79
N GLY B 170 -33.15 22.50 -17.22
CA GLY B 170 -33.38 22.21 -18.63
C GLY B 170 -32.14 21.70 -19.37
N VAL B 171 -31.55 20.60 -18.85
CA VAL B 171 -30.44 19.91 -19.48
C VAL B 171 -30.56 18.43 -19.17
N LYS B 172 -29.72 17.62 -19.83
CA LYS B 172 -29.39 16.27 -19.37
C LYS B 172 -27.99 16.32 -18.76
N GLY B 173 -27.90 16.34 -17.42
CA GLY B 173 -26.59 16.35 -16.80
C GLY B 173 -25.86 15.00 -16.90
N THR B 174 -24.52 15.04 -17.00
CA THR B 174 -23.68 13.88 -16.77
C THR B 174 -23.87 13.36 -15.35
N VAL B 175 -23.62 12.05 -15.16
CA VAL B 175 -23.90 11.36 -13.92
C VAL B 175 -22.67 10.59 -13.46
N GLY B 176 -22.20 10.95 -12.26
CA GLY B 176 -21.10 10.32 -11.55
C GLY B 176 -21.55 9.92 -10.15
N ILE B 177 -21.21 8.70 -9.74
CA ILE B 177 -21.62 8.18 -8.45
C ILE B 177 -20.42 7.62 -7.68
N GLY B 178 -20.29 8.03 -6.43
CA GLY B 178 -19.32 7.53 -5.49
C GLY B 178 -20.03 6.65 -4.47
N ILE B 179 -19.57 5.42 -4.32
CA ILE B 179 -20.26 4.44 -3.49
C ILE B 179 -19.22 3.81 -2.56
N PRO B 180 -19.58 3.40 -1.32
CA PRO B 180 -18.65 2.75 -0.40
C PRO B 180 -18.57 1.25 -0.66
N GLY B 181 -17.71 0.87 -1.60
CA GLY B 181 -17.49 -0.52 -1.94
C GLY B 181 -16.89 -0.57 -3.33
N ILE B 182 -17.07 -1.70 -4.01
CA ILE B 182 -16.35 -1.98 -5.26
C ILE B 182 -17.36 -2.45 -6.31
N ALA B 183 -17.25 -1.88 -7.50
CA ALA B 183 -17.92 -2.39 -8.68
C ALA B 183 -17.01 -3.46 -9.29
N ASP B 184 -17.49 -4.70 -9.34
CA ASP B 184 -16.70 -5.81 -9.85
C ASP B 184 -16.17 -5.41 -11.22
N VAL B 185 -14.85 -5.51 -11.40
CA VAL B 185 -14.21 -4.97 -12.59
C VAL B 185 -14.67 -5.72 -13.84
N GLU B 186 -15.29 -6.90 -13.67
CA GLU B 186 -15.68 -7.69 -14.83
C GLU B 186 -17.20 -7.69 -14.97
N THR B 187 -17.93 -7.94 -13.88
CA THR B 187 -19.37 -8.08 -13.96
C THR B 187 -20.10 -6.76 -13.69
N GLY B 188 -19.42 -5.77 -13.10
CA GLY B 188 -20.09 -4.55 -12.68
C GLY B 188 -20.94 -4.72 -11.43
N LYS B 189 -21.09 -5.94 -10.91
CA LYS B 189 -21.91 -6.13 -9.72
C LYS B 189 -21.21 -5.47 -8.53
N LEU B 190 -21.99 -4.94 -7.58
CA LEU B 190 -21.42 -4.15 -6.51
C LEU B 190 -21.20 -5.00 -5.28
N LEU B 191 -20.04 -4.78 -4.64
CA LEU B 191 -19.79 -5.33 -3.32
C LEU B 191 -19.76 -4.15 -2.35
N THR B 192 -20.89 -3.98 -1.65
CA THR B 192 -21.16 -2.83 -0.79
C THR B 192 -21.92 -3.35 0.43
N SER B 193 -21.17 -3.67 1.50
CA SER B 193 -21.75 -4.20 2.72
C SER B 193 -22.71 -3.17 3.35
N ASN B 194 -22.32 -1.90 3.31
CA ASN B 194 -23.02 -0.86 4.04
C ASN B 194 -24.22 -0.31 3.25
N ILE B 195 -24.42 -0.74 1.99
CA ILE B 195 -25.62 -0.40 1.23
C ILE B 195 -26.35 -1.69 0.84
N PRO B 196 -27.02 -2.41 1.77
CA PRO B 196 -27.61 -3.73 1.45
C PRO B 196 -28.45 -3.78 0.18
N ALA B 197 -29.23 -2.72 -0.07
CA ALA B 197 -30.11 -2.64 -1.23
C ALA B 197 -29.36 -2.85 -2.53
N ALA B 198 -28.07 -2.45 -2.56
CA ALA B 198 -27.31 -2.40 -3.79
C ALA B 198 -26.36 -3.58 -3.95
N MET B 199 -26.05 -4.33 -2.87
CA MET B 199 -25.20 -5.51 -2.88
C MET B 199 -25.60 -6.48 -4.01
N GLY B 200 -24.64 -6.74 -4.90
CA GLY B 200 -24.76 -7.74 -5.95
C GLY B 200 -25.40 -7.21 -7.24
N HIS B 201 -25.79 -5.93 -7.27
CA HIS B 201 -26.47 -5.37 -8.43
C HIS B 201 -25.52 -4.68 -9.37
N THR B 202 -25.94 -4.63 -10.64
CA THR B 202 -25.13 -4.01 -11.69
C THR B 202 -25.58 -2.56 -11.82
N LEU B 203 -25.13 -1.75 -10.86
CA LEU B 203 -25.67 -0.43 -10.62
C LEU B 203 -25.49 0.43 -11.86
N GLN B 204 -24.29 0.40 -12.44
CA GLN B 204 -24.04 1.20 -13.64
C GLN B 204 -24.99 0.86 -14.78
N ARG B 205 -25.13 -0.43 -15.13
CA ARG B 205 -25.98 -0.89 -16.23
CA ARG B 205 -25.96 -0.79 -16.27
C ARG B 205 -27.42 -0.44 -15.98
N ASP B 206 -27.92 -0.75 -14.78
CA ASP B 206 -29.27 -0.43 -14.37
C ASP B 206 -29.61 1.06 -14.56
N LEU B 207 -28.67 1.95 -14.21
CA LEU B 207 -28.95 3.38 -14.25
C LEU B 207 -28.83 3.90 -15.67
N GLU B 208 -27.85 3.39 -16.41
CA GLU B 208 -27.66 3.79 -17.80
C GLU B 208 -28.94 3.54 -18.60
N GLU B 209 -29.62 2.44 -18.25
CA GLU B 209 -30.90 2.08 -18.82
C GLU B 209 -31.90 3.21 -18.51
N ARG B 210 -32.26 3.30 -17.23
CA ARG B 210 -33.26 4.19 -16.68
C ARG B 210 -33.03 5.67 -17.01
N LEU B 211 -31.82 6.08 -17.40
CA LEU B 211 -31.52 7.51 -17.55
C LEU B 211 -30.94 7.78 -18.93
N GLN B 212 -30.94 6.74 -19.76
CA GLN B 212 -30.62 6.87 -21.18
C GLN B 212 -29.35 7.67 -21.40
N ARG B 213 -28.32 7.44 -20.57
CA ARG B 213 -27.01 8.04 -20.85
C ARG B 213 -25.91 7.30 -20.08
N PRO B 214 -24.62 7.57 -20.39
CA PRO B 214 -23.51 6.97 -19.63
C PRO B 214 -23.57 7.35 -18.14
N VAL B 215 -23.19 6.41 -17.27
CA VAL B 215 -23.05 6.62 -15.84
C VAL B 215 -21.65 6.14 -15.43
N LYS B 216 -20.93 6.95 -14.65
CA LYS B 216 -19.67 6.51 -14.10
C LYS B 216 -19.85 6.17 -12.61
N ILE B 217 -19.32 5.02 -12.20
CA ILE B 217 -19.32 4.61 -10.81
C ILE B 217 -17.88 4.60 -10.34
N GLU B 218 -17.67 4.98 -9.08
CA GLU B 218 -16.34 5.07 -8.53
C GLU B 218 -16.46 4.87 -7.02
N ASN B 219 -15.38 4.42 -6.41
CA ASN B 219 -15.34 4.24 -4.97
C ASN B 219 -15.38 5.62 -4.29
N ASP B 220 -16.13 5.70 -3.18
CA ASP B 220 -16.28 6.91 -2.35
C ASP B 220 -14.93 7.53 -1.96
N ALA B 221 -13.98 6.70 -1.48
CA ALA B 221 -12.68 7.19 -1.01
C ALA B 221 -11.84 7.67 -2.19
N ASN B 222 -12.00 7.05 -3.36
CA ASN B 222 -11.29 7.47 -4.55
C ASN B 222 -11.81 8.84 -4.99
N CYS B 223 -13.14 9.02 -4.98
CA CYS B 223 -13.74 10.30 -5.33
C CYS B 223 -13.24 11.38 -4.37
N PHE B 224 -13.25 11.08 -3.08
CA PHE B 224 -12.78 12.00 -2.05
C PHE B 224 -11.35 12.43 -2.36
N ALA B 225 -10.47 11.44 -2.60
CA ALA B 225 -9.07 11.70 -2.85
C ALA B 225 -8.90 12.50 -4.15
N LEU B 226 -9.64 12.12 -5.20
CA LEU B 226 -9.60 12.85 -6.45
C LEU B 226 -9.94 14.33 -6.24
N SER B 227 -11.04 14.61 -5.54
CA SER B 227 -11.44 16.01 -5.35
CA SER B 227 -11.46 15.99 -5.32
C SER B 227 -10.41 16.74 -4.50
N GLU B 228 -9.96 16.12 -3.39
CA GLU B 228 -9.00 16.78 -2.53
C GLU B 228 -7.69 17.02 -3.28
N ALA B 229 -7.25 16.07 -4.09
CA ALA B 229 -5.97 16.18 -4.78
C ALA B 229 -5.99 17.19 -5.92
N TRP B 230 -7.19 17.48 -6.50
CA TRP B 230 -7.21 18.38 -7.65
CA TRP B 230 -7.49 18.40 -7.61
C TRP B 230 -7.17 19.84 -7.19
N ASP B 231 -7.27 20.09 -5.88
CA ASP B 231 -7.05 21.39 -5.28
C ASP B 231 -5.68 21.91 -5.72
N GLU B 232 -5.59 23.19 -6.06
CA GLU B 232 -4.37 23.79 -6.60
C GLU B 232 -3.18 23.57 -5.65
N ASP B 233 -3.47 23.41 -4.36
CA ASP B 233 -2.42 23.25 -3.37
C ASP B 233 -1.84 21.82 -3.37
N LEU B 234 -2.53 20.83 -3.95
CA LEU B 234 -2.09 19.44 -3.85
C LEU B 234 -1.85 18.83 -5.23
N ARG B 235 -2.38 19.47 -6.28
CA ARG B 235 -2.35 19.05 -7.67
C ARG B 235 -0.94 18.66 -8.14
N GLY B 236 0.10 19.31 -7.63
CA GLY B 236 1.46 18.98 -8.02
C GLY B 236 2.23 18.17 -6.98
N GLU B 237 1.52 17.54 -6.03
CA GLU B 237 2.17 16.67 -5.07
C GLU B 237 2.48 15.34 -5.77
N PRO B 238 3.63 14.68 -5.49
CA PRO B 238 3.91 13.39 -6.14
C PRO B 238 2.91 12.29 -5.78
N SER B 239 2.38 12.36 -4.55
CA SER B 239 1.36 11.40 -4.09
C SER B 239 0.48 12.01 -3.01
N VAL B 240 -0.78 11.55 -3.00
CA VAL B 240 -1.78 11.97 -2.03
C VAL B 240 -2.56 10.74 -1.62
N LEU B 241 -2.65 10.53 -0.30
CA LEU B 241 -3.54 9.51 0.24
C LEU B 241 -4.74 10.21 0.86
N GLY B 242 -5.93 9.93 0.30
CA GLY B 242 -7.21 10.32 0.85
C GLY B 242 -7.74 9.21 1.77
N LEU B 243 -7.94 9.53 3.04
CA LEU B 243 -8.35 8.55 4.03
C LEU B 243 -9.70 8.93 4.66
N ILE B 244 -10.67 8.02 4.58
CA ILE B 244 -12.01 8.23 5.11
CA ILE B 244 -12.01 8.21 5.09
C ILE B 244 -12.18 7.40 6.37
N LEU B 245 -12.58 8.07 7.45
CA LEU B 245 -12.82 7.43 8.73
C LEU B 245 -14.25 7.77 9.15
N GLY B 246 -15.18 6.88 8.81
CA GLY B 246 -16.59 7.10 9.03
C GLY B 246 -17.28 5.89 9.61
N THR B 247 -18.21 5.33 8.85
CA THR B 247 -18.79 4.03 9.12
C THR B 247 -17.72 2.97 8.86
N GLY B 248 -16.90 3.19 7.82
CA GLY B 248 -15.79 2.32 7.42
C GLY B 248 -14.48 3.08 7.32
N VAL B 249 -13.42 2.34 6.95
CA VAL B 249 -12.13 2.94 6.68
C VAL B 249 -11.85 2.74 5.20
N GLY B 250 -11.52 3.84 4.51
CA GLY B 250 -11.37 3.85 3.07
C GLY B 250 -10.19 4.72 2.66
N GLY B 251 -9.57 4.35 1.55
CA GLY B 251 -8.36 5.00 1.06
C GLY B 251 -8.49 5.25 -0.44
N GLY B 252 -7.97 6.39 -0.87
CA GLY B 252 -7.87 6.74 -2.26
C GLY B 252 -6.43 7.16 -2.56
N LEU B 253 -5.85 6.50 -3.56
CA LEU B 253 -4.43 6.64 -3.89
C LEU B 253 -4.28 7.46 -5.16
N ILE B 254 -3.58 8.58 -5.04
CA ILE B 254 -3.31 9.45 -6.17
C ILE B 254 -1.80 9.55 -6.33
N PHE B 255 -1.30 9.21 -7.51
CA PHE B 255 0.12 9.31 -7.84
C PHE B 255 0.24 10.23 -9.05
N ASN B 256 1.07 11.27 -8.88
CA ASN B 256 1.27 12.32 -9.88
C ASN B 256 -0.07 12.76 -10.43
N GLY B 257 -1.01 13.08 -9.54
CA GLY B 257 -2.27 13.64 -9.95
C GLY B 257 -3.22 12.62 -10.59
N LYS B 258 -2.89 11.33 -10.58
CA LYS B 258 -3.82 10.40 -11.22
C LYS B 258 -4.21 9.29 -10.24
N VAL B 259 -5.50 8.92 -10.23
CA VAL B 259 -5.97 7.87 -9.32
C VAL B 259 -5.42 6.51 -9.76
N HIS B 260 -4.84 5.76 -8.82
CA HIS B 260 -4.56 4.35 -8.99
C HIS B 260 -5.76 3.57 -8.46
N SER B 261 -6.57 2.99 -9.34
CA SER B 261 -7.73 2.26 -8.83
C SER B 261 -7.49 0.75 -8.72
N GLY B 262 -6.40 0.27 -9.38
CA GLY B 262 -5.89 -1.08 -9.19
C GLY B 262 -6.45 -2.13 -10.16
N ARG B 263 -5.94 -3.35 -10.08
CA ARG B 263 -6.26 -4.37 -11.06
C ARG B 263 -7.76 -4.68 -11.04
N ALA B 264 -8.40 -4.59 -9.88
CA ALA B 264 -9.80 -4.95 -9.78
C ALA B 264 -10.59 -3.92 -8.97
N ASN B 265 -10.16 -2.64 -9.00
CA ASN B 265 -10.89 -1.54 -8.34
C ASN B 265 -10.80 -1.64 -6.83
N ILE B 266 -9.75 -2.30 -6.33
CA ILE B 266 -9.66 -2.53 -4.91
C ILE B 266 -8.55 -1.68 -4.31
N ALA B 267 -7.78 -0.99 -5.16
CA ALA B 267 -6.73 -0.14 -4.61
C ALA B 267 -7.30 0.78 -3.52
N GLY B 268 -6.56 0.81 -2.41
CA GLY B 268 -6.81 1.69 -1.28
C GLY B 268 -7.83 1.11 -0.29
N GLU B 269 -8.16 -0.19 -0.43
CA GLU B 269 -9.09 -0.83 0.50
C GLU B 269 -8.39 -1.19 1.81
N ILE B 270 -7.67 -0.22 2.40
CA ILE B 270 -6.89 -0.41 3.61
C ILE B 270 -7.78 -0.86 4.78
N GLY B 271 -9.06 -0.52 4.73
CA GLY B 271 -9.98 -0.93 5.77
C GLY B 271 -10.13 -2.45 5.86
N HIS B 272 -9.86 -3.17 4.74
CA HIS B 272 -9.93 -4.64 4.76
C HIS B 272 -8.54 -5.28 4.81
N THR B 273 -7.62 -4.66 5.54
CA THR B 273 -6.38 -5.30 5.92
C THR B 273 -6.51 -5.57 7.41
N ARG B 274 -5.92 -6.67 7.89
CA ARG B 274 -6.13 -7.11 9.26
C ARG B 274 -5.19 -6.32 10.18
N LEU B 275 -5.59 -6.16 11.44
CA LEU B 275 -4.81 -5.51 12.46
C LEU B 275 -3.37 -6.02 12.44
N PRO B 276 -2.36 -5.14 12.38
CA PRO B 276 -0.96 -5.58 12.51
C PRO B 276 -0.62 -6.00 13.95
N TYR B 277 0.43 -6.81 14.06
CA TYR B 277 0.89 -7.38 15.31
C TYR B 277 1.01 -6.31 16.41
N ASP B 278 1.60 -5.16 16.09
CA ASP B 278 1.88 -4.15 17.09
C ASP B 278 0.56 -3.57 17.62
N ALA B 279 -0.48 -3.56 16.78
CA ALA B 279 -1.79 -3.09 17.20
C ALA B 279 -2.44 -4.14 18.11
N LEU B 280 -2.32 -5.41 17.74
CA LEU B 280 -2.87 -6.48 18.56
CA LEU B 280 -2.87 -6.49 18.55
C LEU B 280 -2.21 -6.50 19.93
N LYS B 281 -0.90 -6.22 19.96
CA LYS B 281 -0.19 -6.19 21.22
C LYS B 281 -0.76 -5.06 22.08
N LEU B 282 -1.05 -3.90 21.48
CA LEU B 282 -1.61 -2.79 22.24
C LEU B 282 -2.93 -3.21 22.89
N LEU B 283 -3.74 -4.02 22.21
CA LEU B 283 -5.08 -4.38 22.64
C LEU B 283 -5.09 -5.69 23.44
N GLY B 284 -3.94 -6.19 23.89
CA GLY B 284 -3.88 -7.36 24.78
C GLY B 284 -3.78 -8.73 24.10
N MET B 285 -3.28 -8.76 22.85
CA MET B 285 -2.90 -9.97 22.13
C MET B 285 -4.07 -10.96 22.05
N GLU B 286 -4.00 -12.09 22.76
CA GLU B 286 -5.06 -13.10 22.66
C GLU B 286 -6.34 -12.62 23.35
N ASN B 287 -6.26 -11.54 24.14
CA ASN B 287 -7.44 -10.92 24.75
C ASN B 287 -7.95 -9.70 23.99
N ALA B 288 -7.33 -9.36 22.86
CA ALA B 288 -7.78 -8.24 22.05
C ALA B 288 -9.16 -8.54 21.47
N PRO B 289 -10.06 -7.53 21.36
CA PRO B 289 -11.34 -7.73 20.66
C PRO B 289 -11.09 -8.02 19.18
N ILE B 290 -11.70 -9.10 18.70
CA ILE B 290 -11.59 -9.43 17.28
C ILE B 290 -12.95 -9.17 16.67
N PHE B 291 -13.09 -8.05 15.94
CA PHE B 291 -14.41 -7.71 15.44
C PHE B 291 -14.67 -8.39 14.09
N PRO B 292 -15.86 -8.98 13.89
CA PRO B 292 -16.24 -9.50 12.56
C PRO B 292 -16.37 -8.37 11.56
N CYS B 293 -16.19 -8.65 10.26
CA CYS B 293 -16.21 -7.59 9.26
C CYS B 293 -17.34 -7.84 8.27
N GLY B 294 -17.89 -6.76 7.70
CA GLY B 294 -18.85 -6.83 6.61
C GLY B 294 -18.32 -7.60 5.40
N CYS B 295 -17.01 -7.58 5.16
CA CYS B 295 -16.43 -8.33 4.05
C CYS B 295 -16.42 -9.82 4.35
N LYS B 296 -16.74 -10.21 5.60
CA LYS B 296 -16.84 -11.59 6.06
C LYS B 296 -15.51 -12.13 6.60
N ASN B 297 -14.44 -11.35 6.48
CA ASN B 297 -13.21 -11.70 7.18
C ASN B 297 -13.36 -11.26 8.64
N SER B 298 -12.25 -11.25 9.38
CA SER B 298 -12.27 -11.03 10.80
C SER B 298 -11.03 -10.23 11.22
N GLY B 299 -11.22 -9.15 11.99
CA GLY B 299 -10.15 -8.31 12.49
C GLY B 299 -9.67 -7.24 11.50
N CYS B 300 -10.46 -6.94 10.46
CA CYS B 300 -10.16 -5.86 9.51
C CYS B 300 -10.18 -4.49 10.20
N ILE B 301 -9.24 -3.59 9.86
CA ILE B 301 -9.11 -2.29 10.54
C ILE B 301 -10.34 -1.39 10.36
N ASP B 302 -11.14 -1.64 9.31
CA ASP B 302 -12.44 -1.03 9.06
C ASP B 302 -13.27 -0.92 10.36
N ASN B 303 -13.11 -1.88 11.28
CA ASN B 303 -13.97 -1.99 12.45
C ASN B 303 -13.24 -1.48 13.68
N TYR B 304 -12.14 -0.74 13.48
CA TYR B 304 -11.33 -0.30 14.60
C TYR B 304 -11.09 1.20 14.48
N LEU B 305 -10.74 1.66 13.27
CA LEU B 305 -10.23 3.02 13.13
C LEU B 305 -11.31 3.95 12.57
N SER B 306 -12.46 3.39 12.16
CA SER B 306 -13.57 4.20 11.72
C SER B 306 -14.26 4.86 12.93
N GLY B 307 -15.21 5.77 12.69
CA GLY B 307 -16.01 6.29 13.78
C GLY B 307 -16.79 5.16 14.46
N ARG B 308 -17.33 4.24 13.63
CA ARG B 308 -18.00 3.06 14.16
C ARG B 308 -17.05 2.25 15.04
N GLY B 309 -15.79 2.11 14.60
CA GLY B 309 -14.82 1.29 15.29
C GLY B 309 -14.42 1.93 16.62
N PHE B 310 -14.25 3.25 16.59
CA PHE B 310 -14.03 4.04 17.80
C PHE B 310 -15.11 3.75 18.83
N GLU B 311 -16.37 3.70 18.38
CA GLU B 311 -17.52 3.38 19.22
C GLU B 311 -17.45 1.93 19.73
N GLN B 312 -17.18 0.97 18.82
CA GLN B 312 -17.13 -0.45 19.17
C GLN B 312 -16.01 -0.72 20.17
N LEU B 313 -14.92 0.02 20.03
CA LEU B 313 -13.81 -0.20 20.95
C LEU B 313 -14.20 0.30 22.33
N TYR B 314 -14.89 1.45 22.40
CA TYR B 314 -15.38 1.95 23.68
C TYR B 314 -16.32 0.93 24.34
N ASP B 315 -17.32 0.49 23.57
CA ASP B 315 -18.31 -0.46 24.06
C ASP B 315 -17.62 -1.73 24.58
N HIS B 316 -16.66 -2.26 23.80
CA HIS B 316 -15.99 -3.49 24.19
C HIS B 316 -15.35 -3.36 25.57
N TYR B 317 -14.65 -2.26 25.83
CA TYR B 317 -13.94 -2.15 27.10
C TYR B 317 -14.85 -1.71 28.25
N PHE B 318 -15.96 -1.00 27.95
CA PHE B 318 -16.70 -0.29 29.01
C PHE B 318 -18.17 -0.68 29.10
N SER B 319 -18.65 -1.52 28.18
CA SER B 319 -20.02 -2.02 28.17
C SER B 319 -21.02 -0.88 28.25
N GLU B 320 -20.96 0.04 27.29
CA GLU B 320 -21.99 1.04 27.08
C GLU B 320 -21.90 1.52 25.63
N LYS B 321 -23.05 1.60 24.95
CA LYS B 321 -23.08 1.98 23.55
C LYS B 321 -23.18 3.50 23.38
N LEU B 322 -22.09 4.24 23.67
CA LEU B 322 -22.02 5.67 23.40
C LEU B 322 -21.65 5.93 21.94
N SER B 323 -22.06 7.09 21.41
CA SER B 323 -21.65 7.57 20.10
C SER B 323 -20.27 8.22 20.24
N ALA B 324 -19.59 8.36 19.10
CA ALA B 324 -18.27 8.97 19.09
C ALA B 324 -18.33 10.40 19.66
N PRO B 325 -19.24 11.28 19.19
CA PRO B 325 -19.35 12.65 19.74
C PRO B 325 -19.52 12.69 21.25
N GLU B 326 -20.34 11.74 21.75
CA GLU B 326 -20.60 11.56 23.17
C GLU B 326 -19.31 11.18 23.92
N ILE B 327 -18.57 10.18 23.39
CA ILE B 327 -17.30 9.78 23.99
C ILE B 327 -16.31 10.95 24.00
N ILE B 328 -16.25 11.68 22.87
CA ILE B 328 -15.33 12.79 22.76
C ILE B 328 -15.68 13.89 23.79
N ALA B 329 -16.99 14.17 23.94
CA ALA B 329 -17.46 15.13 24.94
C ALA B 329 -17.00 14.71 26.32
N HIS B 330 -17.25 13.43 26.68
CA HIS B 330 -16.77 12.92 27.96
C HIS B 330 -15.25 13.12 28.07
N TYR B 331 -14.53 12.92 26.95
CA TYR B 331 -13.08 13.03 26.99
C TYR B 331 -12.69 14.47 27.28
N GLU B 332 -13.37 15.40 26.58
CA GLU B 332 -13.15 16.82 26.81
C GLU B 332 -13.36 17.18 28.29
N GLN B 333 -14.27 16.48 28.99
CA GLN B 333 -14.54 16.79 30.40
CA GLN B 333 -14.52 16.81 30.39
C GLN B 333 -13.51 16.10 31.30
N GLY B 334 -12.67 15.23 30.73
CA GLY B 334 -11.66 14.54 31.51
C GLY B 334 -12.21 13.30 32.26
N GLU B 335 -13.36 12.78 31.81
CA GLU B 335 -13.90 11.57 32.42
C GLU B 335 -12.99 10.36 32.19
N ARG B 336 -12.78 9.58 33.25
CA ARG B 336 -11.76 8.55 33.32
C ARG B 336 -11.82 7.55 32.15
N ARG B 337 -12.96 6.90 31.94
CA ARG B 337 -13.15 5.92 30.88
C ARG B 337 -12.81 6.52 29.51
N ALA B 338 -13.36 7.69 29.22
CA ALA B 338 -13.16 8.30 27.91
C ALA B 338 -11.70 8.67 27.70
N VAL B 339 -11.00 9.10 28.76
CA VAL B 339 -9.59 9.47 28.68
C VAL B 339 -8.76 8.23 28.36
N GLN B 340 -9.14 7.11 28.96
CA GLN B 340 -8.44 5.85 28.76
C GLN B 340 -8.65 5.38 27.32
N HIS B 341 -9.90 5.51 26.83
CA HIS B 341 -10.28 5.10 25.49
C HIS B 341 -9.54 5.90 24.44
N VAL B 342 -9.50 7.21 24.62
CA VAL B 342 -8.90 8.09 23.63
C VAL B 342 -7.40 7.82 23.53
N GLU B 343 -6.76 7.58 24.68
CA GLU B 343 -5.33 7.31 24.72
C GLU B 343 -5.03 6.03 23.92
N ARG B 344 -5.80 4.97 24.20
CA ARG B 344 -5.69 3.71 23.52
C ARG B 344 -5.95 3.92 22.03
N PHE B 345 -6.99 4.68 21.69
CA PHE B 345 -7.38 4.81 20.29
C PHE B 345 -6.33 5.61 19.53
N MET B 346 -5.76 6.66 20.15
CA MET B 346 -4.78 7.48 19.45
C MET B 346 -3.55 6.63 19.14
N GLU B 347 -3.14 5.80 20.10
CA GLU B 347 -1.99 4.93 19.91
C GLU B 347 -2.30 3.91 18.83
N LEU B 348 -3.49 3.32 18.87
CA LEU B 348 -3.90 2.33 17.88
C LEU B 348 -3.90 2.95 16.48
N LEU B 349 -4.46 4.15 16.35
CA LEU B 349 -4.49 4.82 15.05
C LEU B 349 -3.06 5.06 14.56
N ALA B 350 -2.15 5.49 15.45
CA ALA B 350 -0.78 5.78 15.03
C ALA B 350 -0.10 4.49 14.57
N ILE B 351 -0.34 3.38 15.29
CA ILE B 351 0.28 2.12 14.93
C ILE B 351 -0.18 1.68 13.54
N CYS B 352 -1.50 1.68 13.30
CA CYS B 352 -2.03 1.20 12.04
C CYS B 352 -1.58 2.09 10.88
N LEU B 353 -1.61 3.41 11.10
CA LEU B 353 -1.26 4.31 10.02
C LEU B 353 0.23 4.23 9.74
N ALA B 354 1.03 4.00 10.79
CA ALA B 354 2.48 3.87 10.61
C ALA B 354 2.79 2.66 9.72
N ASN B 355 2.04 1.55 9.91
CA ASN B 355 2.16 0.38 9.06
C ASN B 355 1.84 0.78 7.62
N ILE B 356 0.69 1.42 7.42
CA ILE B 356 0.26 1.81 6.08
C ILE B 356 1.27 2.77 5.44
N PHE B 357 1.87 3.70 6.19
CA PHE B 357 2.77 4.70 5.63
C PHE B 357 4.14 4.09 5.32
N THR B 358 4.44 2.95 5.96
CA THR B 358 5.70 2.28 5.68
C THR B 358 5.62 1.63 4.30
N CYS B 359 4.42 1.14 3.96
CA CYS B 359 4.15 0.62 2.64
C CYS B 359 4.02 1.75 1.60
N LEU B 360 3.18 2.77 1.85
CA LEU B 360 2.79 3.73 0.83
C LEU B 360 3.64 5.01 0.84
N ASP B 361 4.23 5.40 2.00
CA ASP B 361 5.02 6.62 2.12
C ASP B 361 4.40 7.83 1.36
N PRO B 362 3.13 8.22 1.62
CA PRO B 362 2.50 9.31 0.88
C PRO B 362 3.05 10.69 1.27
N HIS B 363 3.00 11.63 0.32
CA HIS B 363 3.48 12.97 0.57
C HIS B 363 2.51 13.76 1.46
N VAL B 364 1.21 13.64 1.15
CA VAL B 364 0.13 14.26 1.89
C VAL B 364 -0.94 13.21 2.23
N VAL B 365 -1.46 13.30 3.45
CA VAL B 365 -2.61 12.50 3.84
C VAL B 365 -3.77 13.45 4.19
N VAL B 366 -4.92 13.26 3.56
CA VAL B 366 -6.10 14.09 3.80
C VAL B 366 -7.16 13.23 4.49
N LEU B 367 -7.61 13.64 5.69
CA LEU B 367 -8.62 12.87 6.41
C LEU B 367 -10.03 13.39 6.14
N GLY B 368 -10.97 12.48 5.96
CA GLY B 368 -12.37 12.78 5.74
C GLY B 368 -13.26 11.82 6.52
N GLY B 369 -14.58 12.00 6.35
CA GLY B 369 -15.60 11.25 7.08
C GLY B 369 -15.80 11.82 8.48
N GLY B 370 -16.85 11.33 9.14
CA GLY B 370 -17.26 11.83 10.45
C GLY B 370 -16.11 11.98 11.44
N LEU B 371 -15.24 10.96 11.54
CA LEU B 371 -14.27 10.96 12.63
C LEU B 371 -13.15 11.95 12.35
N SER B 372 -13.09 12.48 11.13
CA SER B 372 -12.04 13.46 10.86
C SER B 372 -12.31 14.78 11.57
N ASN B 373 -13.48 14.88 12.21
CA ASN B 373 -13.85 16.08 12.95
C ASN B 373 -13.19 16.08 14.33
N PHE B 374 -12.66 14.93 14.76
CA PHE B 374 -12.03 14.86 16.07
C PHE B 374 -10.65 15.53 15.98
N GLU B 375 -10.54 16.77 16.44
CA GLU B 375 -9.36 17.61 16.21
C GLU B 375 -8.11 17.05 16.87
N LEU B 376 -8.25 16.31 17.98
CA LEU B 376 -7.10 15.78 18.69
C LEU B 376 -6.23 14.94 17.75
N ILE B 377 -6.85 14.26 16.76
CA ILE B 377 -6.13 13.47 15.75
C ILE B 377 -4.95 14.24 15.15
N TYR B 378 -5.18 15.51 14.75
CA TYR B 378 -4.17 16.29 14.02
C TYR B 378 -3.03 16.71 14.92
N GLN B 379 -3.26 16.74 16.24
CA GLN B 379 -2.22 17.09 17.17
C GLN B 379 -1.45 15.83 17.59
N GLU B 380 -2.18 14.71 17.77
CA GLU B 380 -1.61 13.48 18.31
C GLU B 380 -0.84 12.65 17.27
N LEU B 381 -1.37 12.50 16.04
CA LEU B 381 -0.71 11.66 15.05
C LEU B 381 0.75 12.05 14.88
N PRO B 382 1.09 13.33 14.58
CA PRO B 382 2.49 13.71 14.42
C PRO B 382 3.34 13.36 15.65
N LYS B 383 2.74 13.31 16.83
CA LYS B 383 3.56 13.01 17.99
C LYS B 383 3.81 11.50 18.10
N ARG B 384 2.81 10.69 17.77
CA ARG B 384 2.89 9.28 18.08
C ARG B 384 3.41 8.44 16.90
N LEU B 385 3.32 8.95 15.66
CA LEU B 385 3.76 8.22 14.47
C LEU B 385 5.25 7.89 14.49
N PRO B 386 6.17 8.82 14.83
CA PRO B 386 7.61 8.53 14.72
C PRO B 386 8.08 7.24 15.37
N ALA B 387 7.56 6.92 16.56
CA ALA B 387 8.00 5.71 17.24
C ALA B 387 7.73 4.46 16.41
N HIS B 388 6.74 4.52 15.50
CA HIS B 388 6.31 3.31 14.82
C HIS B 388 6.74 3.27 13.35
N LEU B 389 7.30 4.38 12.85
CA LEU B 389 7.82 4.47 11.50
C LEU B 389 9.30 4.08 11.53
N LEU B 390 9.92 3.89 10.36
CA LEU B 390 11.36 3.70 10.31
C LEU B 390 12.07 4.98 10.75
N HIS B 391 13.23 4.81 11.38
CA HIS B 391 14.06 5.87 11.94
C HIS B 391 14.30 7.00 10.92
N VAL B 392 14.33 6.73 9.62
CA VAL B 392 14.63 7.79 8.67
C VAL B 392 13.36 8.31 8.00
N ALA B 393 12.18 7.84 8.43
CA ALA B 393 10.93 8.32 7.84
C ALA B 393 10.75 9.80 8.20
N LYS B 394 10.12 10.56 7.33
CA LYS B 394 9.70 11.93 7.63
C LYS B 394 8.19 11.94 7.53
N LEU B 395 7.50 12.68 8.42
CA LEU B 395 6.05 12.61 8.45
C LEU B 395 5.49 13.22 7.16
N PRO B 396 4.39 12.66 6.63
CA PRO B 396 3.69 13.33 5.54
C PRO B 396 2.97 14.54 6.15
N LYS B 397 2.55 15.46 5.30
CA LYS B 397 1.65 16.53 5.68
C LYS B 397 0.28 15.87 5.93
N ILE B 398 -0.16 15.88 7.19
CA ILE B 398 -1.46 15.32 7.56
C ILE B 398 -2.45 16.45 7.77
N ILE B 399 -3.51 16.48 6.95
CA ILE B 399 -4.46 17.59 6.95
C ILE B 399 -5.90 17.07 6.92
N LYS B 400 -6.80 17.89 7.45
CA LYS B 400 -8.24 17.71 7.40
C LYS B 400 -8.76 18.11 6.02
N ALA B 401 -9.78 17.41 5.52
CA ALA B 401 -10.39 17.69 4.21
C ALA B 401 -10.62 19.20 3.98
N ARG B 402 -10.18 19.68 2.81
CA ARG B 402 -10.32 21.08 2.45
CA ARG B 402 -10.31 21.07 2.43
C ARG B 402 -11.73 21.37 1.91
N HIS B 403 -12.50 20.34 1.59
CA HIS B 403 -13.82 20.58 1.00
C HIS B 403 -14.90 20.06 1.93
N GLY B 404 -14.53 20.03 3.21
CA GLY B 404 -15.47 19.64 4.24
C GLY B 404 -16.06 18.28 3.90
N ASP B 405 -17.39 18.22 3.78
CA ASP B 405 -18.03 16.92 3.59
C ASP B 405 -18.42 16.76 2.12
N ALA B 406 -17.86 17.56 1.19
CA ALA B 406 -18.33 17.62 -0.18
C ALA B 406 -17.39 16.93 -1.18
N GLY B 407 -16.21 16.48 -0.73
CA GLY B 407 -15.23 15.87 -1.61
C GLY B 407 -15.77 14.69 -2.41
N GLY B 408 -16.58 13.83 -1.76
CA GLY B 408 -17.26 12.71 -2.41
C GLY B 408 -18.12 13.14 -3.60
N VAL B 409 -19.03 14.10 -3.35
CA VAL B 409 -19.94 14.59 -4.39
C VAL B 409 -19.14 15.25 -5.51
N ARG B 410 -18.17 16.08 -5.14
CA ARG B 410 -17.37 16.79 -6.12
CA ARG B 410 -17.40 16.79 -6.14
C ARG B 410 -16.60 15.79 -6.97
N GLY B 411 -15.98 14.82 -6.31
CA GLY B 411 -15.16 13.84 -7.01
C GLY B 411 -16.00 13.01 -7.97
N ALA B 412 -17.21 12.62 -7.53
CA ALA B 412 -18.07 11.83 -8.36
C ALA B 412 -18.49 12.65 -9.58
N ALA B 413 -18.78 13.94 -9.38
CA ALA B 413 -19.34 14.73 -10.46
C ALA B 413 -18.27 14.98 -11.52
N PHE B 414 -17.03 15.11 -11.07
CA PHE B 414 -15.94 15.48 -11.96
C PHE B 414 -15.28 14.28 -12.62
N LEU B 415 -15.78 13.06 -12.36
CA LEU B 415 -15.37 11.91 -13.15
C LEU B 415 -15.64 12.21 -14.61
N ASN B 416 -16.75 12.90 -14.89
CA ASN B 416 -17.17 13.20 -16.24
C ASN B 416 -16.57 14.52 -16.75
N LEU B 417 -15.43 14.96 -16.19
CA LEU B 417 -14.76 16.16 -16.66
C LEU B 417 -13.81 15.78 -17.79
ZN ZN C . 11.58 -3.90 10.47
PG ANP D . 18.73 -9.66 -2.08
O1G ANP D . 17.57 -10.35 -2.71
O2G ANP D . 19.53 -9.41 -3.31
O3G ANP D . 18.35 -8.34 -1.41
PB ANP D . 20.96 -11.30 -1.10
O1B ANP D . 21.39 -11.42 0.33
O2B ANP D . 21.87 -10.58 -2.06
N3B ANP D . 19.45 -10.70 -1.05
PA ANP D . 19.67 -13.77 -2.14
O1A ANP D . 18.72 -12.98 -2.97
O2A ANP D . 20.24 -15.01 -2.73
O3A ANP D . 20.87 -12.81 -1.63
O5' ANP D . 18.90 -14.12 -0.77
C5' ANP D . 19.46 -15.03 0.16
C4' ANP D . 18.39 -15.99 0.58
O4' ANP D . 17.81 -16.63 -0.60
C3' ANP D . 18.87 -17.14 1.48
O3' ANP D . 17.87 -17.60 2.38
C2' ANP D . 19.09 -18.27 0.46
O2' ANP D . 19.00 -19.56 1.03
C1' ANP D . 17.90 -18.03 -0.45
N9 ANP D . 18.08 -18.64 -1.75
C8 ANP D . 19.09 -18.39 -2.67
N7 ANP D . 18.99 -19.13 -3.75
C5 ANP D . 17.87 -19.92 -3.54
C6 ANP D . 17.24 -20.89 -4.32
N6 ANP D . 17.66 -21.25 -5.52
N1 ANP D . 16.13 -21.48 -3.81
C2 ANP D . 15.70 -21.09 -2.61
N3 ANP D . 16.22 -20.17 -1.78
C4 ANP D . 17.31 -19.62 -2.32
C1 PEG E . -13.21 -15.05 0.68
O1 PEG E . -13.96 -16.15 1.27
C2 PEG E . -13.90 -14.38 -0.49
O2 PEG E . -14.49 -15.33 -1.39
C3 PEG E . -13.54 -16.15 -2.06
C4 PEG E . -14.05 -16.57 -3.39
O4 PEG E . -13.61 -15.69 -4.40
C1 PGE F . -2.12 6.46 -10.95
O1 PGE F . -2.55 5.50 -11.96
C2 PGE F . -0.64 6.74 -10.93
O2 PGE F . -0.18 7.52 -12.04
C3 PGE F . 1.19 7.32 -12.38
C4 PGE F . 2.13 8.15 -11.52
O4 PGE F . 5.36 8.44 -9.08
C6 PGE F . 5.02 7.09 -9.53
C5 PGE F . 3.61 6.90 -10.07
O3 PGE F . 3.40 7.51 -11.36
C1 PEG G . 13.57 -17.37 17.76
O1 PEG G . 12.51 -18.27 18.09
C2 PEG G . 13.47 -16.08 18.50
O2 PEG G . 12.11 -15.67 18.60
C3 PEG G . 11.44 -16.23 19.72
C4 PEG G . 10.64 -15.16 20.41
O4 PEG G . 9.32 -15.13 19.92
C1 PEG H . 8.60 -32.26 14.92
O1 PEG H . 8.03 -33.55 14.84
C2 PEG H . 10.05 -32.32 15.30
O2 PEG H . 10.17 -32.35 16.72
C3 PEG H . 10.35 -31.06 17.30
C4 PEG H . 10.90 -31.21 18.67
O4 PEG H . 12.27 -30.89 18.73
C1 NDG I . 15.17 -4.79 3.62
C2 NDG I . 15.32 -3.32 3.24
C3 NDG I . 14.63 -3.01 1.91
C4 NDG I . 15.04 -4.02 0.85
C5 NDG I . 14.65 -5.42 1.32
C6 NDG I . 15.02 -6.50 0.31
C7 NDG I . 15.59 -1.77 5.15
C8 NDG I . 14.91 -0.72 5.98
O5 NDG I . 15.38 -5.70 2.55
O3 NDG I . 14.97 -1.71 1.47
O4 NDG I . 14.33 -3.70 -0.34
O6 NDG I . 16.45 -6.56 0.08
O7 NDG I . 16.76 -2.07 5.33
N2 NDG I . 14.83 -2.38 4.23
O1 NDG I . 13.88 -5.07 4.07
C1 EDO J . -4.89 -23.42 6.17
O1 EDO J . -5.84 -23.03 5.15
C2 EDO J . -5.32 -23.81 7.57
O2 EDO J . -6.09 -25.03 7.72
C1 EDO K . -4.17 -7.57 -15.29
O1 EDO K . -4.33 -6.43 -16.10
C2 EDO K . -2.80 -8.11 -15.36
O2 EDO K . -2.26 -8.16 -16.69
C1 EDO L . 17.00 -10.60 -7.93
O1 EDO L . 16.27 -11.59 -8.66
C2 EDO L . 17.07 -9.32 -8.67
O2 EDO L . 17.50 -8.27 -7.85
C1 EDO M . 0.86 -28.11 -1.20
O1 EDO M . 0.99 -28.79 -2.42
C2 EDO M . 2.18 -27.59 -0.78
O2 EDO M . 2.11 -26.89 0.45
C1 EDO N . 8.94 0.14 18.00
O1 EDO N . 10.05 -0.67 18.29
C2 EDO N . 7.82 -0.23 18.88
O2 EDO N . 7.61 0.78 19.82
C1 EDO O . -1.08 -3.05 4.96
O1 EDO O . -0.26 -1.95 5.29
C2 EDO O . -0.38 -3.96 4.04
O2 EDO O . 0.73 -3.34 3.43
C1 EDO P . 1.58 -22.96 14.60
O1 EDO P . 1.99 -22.62 13.29
C2 EDO P . 1.03 -24.32 14.65
O2 EDO P . 0.49 -24.44 15.93
K K Q . 11.31 0.22 -1.99
ZN ZN R . 19.89 -32.12 4.44
PG ANP S . -19.18 8.34 4.53
PG ANP S . -23.36 7.12 6.48
O1G ANP S . -17.92 8.36 5.33
O1G ANP S . -24.29 7.70 5.44
O2G ANP S . -18.80 7.91 3.12
O2G ANP S . -21.90 7.31 6.08
O3G ANP S . -19.79 9.71 4.44
O3G ANP S . -23.59 5.63 6.61
PB ANP S . -21.29 7.66 6.41
PB ANP S . -22.84 9.23 8.26
O1B ANP S . -22.14 6.46 6.68
O1B ANP S . -22.94 9.68 9.70
O2B ANP S . -21.98 8.96 6.11
O2B ANP S . -23.19 10.22 7.18
N3B ANP S . -20.20 7.31 5.27
N3B ANP S . -23.61 7.85 7.91
PA ANP S . -19.95 9.34 8.44
PA ANP S . -20.00 9.69 8.62
O1A ANP S . -21.08 10.29 8.67
O1A ANP S . -18.98 9.74 7.53
O2A ANP S . -18.75 9.83 7.71
O2A ANP S . -20.49 10.99 9.20
O3A ANP S . -20.47 7.97 7.75
O3A ANP S . -21.29 8.86 8.13
O5' ANP S . -19.42 8.77 9.83
O5' ANP S . -19.42 8.77 9.79
C5' ANP S . -20.30 8.17 10.77
C5' ANP S . -20.27 8.22 10.81
C4' ANP S . -19.50 7.97 12.04
C4' ANP S . -19.43 8.02 12.06
O4' ANP S . -18.71 9.16 12.32
O4' ANP S . -18.66 9.22 12.34
C3' ANP S . -20.32 7.68 13.30
C3' ANP S . -20.20 7.70 13.33
O3' ANP S . -19.60 6.76 14.10
O3' ANP S . -19.44 6.85 14.18
C2' ANP S . -20.38 9.06 13.96
C2' ANP S . -20.32 9.08 13.98
O2' ANP S . -20.62 9.00 15.35
O2' ANP S . -20.57 9.02 15.37
C1' ANP S . -18.99 9.60 13.64
C1' ANP S . -18.95 9.65 13.66
N9 ANP S . -19.03 11.05 13.62
N9 ANP S . -19.00 11.10 13.66
C8 ANP S . -19.89 11.83 12.88
C8 ANP S . -19.86 11.88 12.93
N7 ANP S . -19.70 13.12 13.09
N7 ANP S . -19.67 13.17 13.15
C5 ANP S . -18.69 13.19 14.04
C5 ANP S . -18.65 13.23 14.09
C6 ANP S . -18.06 14.27 14.67
C6 ANP S . -18.01 14.31 14.73
N6 ANP S . -18.35 15.54 14.43
N6 ANP S . -18.30 15.58 14.51
N1 ANP S . -17.07 13.98 15.56
N1 ANP S . -17.02 14.02 15.62
C2 ANP S . -16.78 12.70 15.79
C2 ANP S . -16.73 12.72 15.82
N3 ANP S . -17.32 11.60 15.26
N3 ANP S . -17.27 11.63 15.28
C4 ANP S . -18.28 11.91 14.38
C4 ANP S . -18.24 11.95 14.42
ZN ZN T . -13.00 -6.68 5.97
C1 PGE U . -0.92 3.46 25.78
O1 PGE U . -0.08 3.81 24.72
C2 PGE U . -2.35 3.35 25.35
O2 PGE U . -3.11 2.66 26.35
C3 PGE U . -3.55 1.39 25.93
C4 PGE U . -3.67 0.44 27.08
O4 PGE U . -5.90 -3.76 26.86
C6 PGE U . -5.51 -2.57 26.20
C5 PGE U . -4.59 -1.75 27.07
O3 PGE U . -4.82 -0.37 26.85
C1 NDG V . -15.67 0.18 3.46
C2 NDG V . -15.67 -0.03 1.94
C3 NDG V . -14.73 0.96 1.24
C4 NDG V . -15.02 2.38 1.67
C5 NDG V . -14.92 2.49 3.20
C6 NDG V . -15.29 3.86 3.73
C7 NDG V . -16.17 -2.40 1.36
C8 NDG V . -15.58 -3.57 0.64
O5 NDG V . -15.85 1.55 3.80
O3 NDG V . -14.97 0.87 -0.16
O4 NDG V . -14.10 3.23 0.99
O6 NDG V . -16.62 4.24 3.35
O7 NDG V . -17.35 -2.35 1.70
N2 NDG V . -15.31 -1.39 1.60
O1 NDG V . -14.41 -0.19 3.93
C1 EDO W . 1.73 15.65 -10.62
O1 EDO W . 1.14 15.78 -9.31
C2 EDO W . 3.05 16.32 -10.85
O2 EDO W . 4.16 15.71 -10.23
C1 EDO X . -9.92 -6.79 26.71
O1 EDO X . -10.63 -7.76 25.98
C2 EDO X . -8.92 -6.17 25.83
O2 EDO X . -7.60 -6.39 26.28
C1 EDO Y . -15.74 -9.64 21.06
O1 EDO Y . -15.89 -8.61 20.09
C2 EDO Y . -15.16 -10.87 20.49
O2 EDO Y . -13.76 -10.75 20.31
C1 EDO Z . -4.26 12.10 25.02
O1 EDO Z . -4.47 11.17 24.00
C2 EDO Z . -3.16 12.98 24.59
O2 EDO Z . -3.23 14.22 25.24
C1 EDO AA . -13.11 -5.43 29.39
O1 EDO AA . -11.88 -5.81 28.80
C2 EDO AA . -14.24 -6.39 29.18
O2 EDO AA . -14.14 -7.11 27.96
C1 EDO BA . -16.29 13.22 2.05
O1 EDO BA . -17.25 12.60 1.26
C2 EDO BA . -16.40 12.65 3.40
O2 EDO BA . -15.67 13.49 4.26
C1 EDO CA . -20.68 -10.25 -6.06
O1 EDO CA . -20.53 -9.99 -7.43
C2 EDO CA . -20.90 -8.98 -5.34
O2 EDO CA . -21.28 -9.31 -4.04
C1 EDO DA . -14.87 0.06 34.34
O1 EDO DA . -13.75 0.60 33.66
C2 EDO DA . -15.66 -0.89 33.53
O2 EDO DA . -16.70 -0.23 32.86
K K EA . -10.52 2.88 -2.76
ZN ZN FA . -23.28 11.32 27.70
#